data_3FCY
#
_entry.id   3FCY
#
_cell.length_a   132.263
_cell.length_b   132.263
_cell.length_c   112.914
_cell.angle_alpha   90.00
_cell.angle_beta   90.00
_cell.angle_gamma   120.00
#
_symmetry.space_group_name_H-M   'P 32 2 1'
#
loop_
_entity.id
_entity.type
_entity.pdbx_description
1 polymer 'Xylan esterase 1'
2 non-polymer 'CALCIUM ION'
3 water water
#
_entity_poly.entity_id   1
_entity_poly.type   'polypeptide(L)'
_entity_poly.pdbx_seq_one_letter_code
;MKHHHHHHPMSDYDIPTTENLYFQGAMGLFDMPLQKLREYTGTNPCPEDFDEYWNRALDEMRSVDPKIELKESSFQVSFA
ECYDLYFTGVRGARIHAKYIKPKTEGKHPALIRFHGYSSNSGDWNDKLNYVAAGFTVVAMDVRGQGGQSQDVGGVTGNTL
NGHIIRGLDDDADNMLFRHIFLDTAQLAGIVMNMPEVDEDRVGVMGPSQGGGLSLACAALEPRVRKVVSEYPFLSDYKRV
WDLDLAKNAYQEITDYFRLFDPRHERENEVFTKLGYIDVKNLAKRIKGDVLMCVGLMDQVCPPSTVFAAYNNIQSKKDIK
VYPDYGHEPMRGFGDLAMQFMLELYS
;
_entity_poly.pdbx_strand_id   A,B,C
#
# COMPACT_ATOMS: atom_id res chain seq x y z
N PHE A 30 -17.36 10.35 16.03
CA PHE A 30 -16.02 10.19 15.40
C PHE A 30 -15.31 11.54 15.30
N ASP A 31 -15.98 12.59 15.78
CA ASP A 31 -15.42 13.94 15.77
C ASP A 31 -15.96 14.69 16.98
N MET A 32 -15.33 15.81 17.31
CA MET A 32 -15.74 16.61 18.47
C MET A 32 -17.19 17.10 18.37
N PRO A 33 -17.83 17.39 19.52
CA PRO A 33 -19.21 17.88 19.52
C PRO A 33 -19.34 19.26 18.88
N LEU A 34 -20.52 19.55 18.33
CA LEU A 34 -20.78 20.82 17.67
C LEU A 34 -20.30 22.02 18.48
N GLN A 35 -20.55 21.98 19.79
CA GLN A 35 -20.14 23.06 20.68
C GLN A 35 -18.67 23.41 20.47
N LYS A 36 -17.84 22.39 20.30
CA LYS A 36 -16.41 22.60 20.11
C LYS A 36 -16.02 22.84 18.65
N LEU A 37 -16.82 22.33 17.72
CA LEU A 37 -16.54 22.53 16.30
C LEU A 37 -16.56 24.03 16.03
N ARG A 38 -17.56 24.70 16.60
CA ARG A 38 -17.75 26.14 16.46
C ARG A 38 -16.49 26.93 16.78
N GLU A 39 -15.66 26.40 17.68
CA GLU A 39 -14.43 27.08 18.09
C GLU A 39 -13.14 26.55 17.46
N TYR A 40 -13.22 25.37 16.86
CA TYR A 40 -12.04 24.75 16.25
C TYR A 40 -11.53 25.53 15.03
N THR A 41 -10.24 25.86 15.05
CA THR A 41 -9.63 26.62 13.97
C THR A 41 -8.60 25.87 13.11
N GLY A 42 -8.49 24.55 13.30
CA GLY A 42 -7.55 23.80 12.49
C GLY A 42 -6.35 23.22 13.21
N THR A 43 -5.72 22.25 12.55
CA THR A 43 -4.54 21.59 13.12
C THR A 43 -3.37 21.55 12.14
N ASN A 44 -3.65 21.39 10.85
CA ASN A 44 -2.58 21.33 9.86
C ASN A 44 -1.77 22.62 9.87
N PRO A 45 -0.43 22.50 9.86
CA PRO A 45 0.43 23.69 9.87
C PRO A 45 0.26 24.55 8.62
N CYS A 46 0.81 25.76 8.68
CA CYS A 46 0.78 26.70 7.57
C CYS A 46 2.21 27.16 7.35
N PRO A 47 2.77 26.92 6.16
CA PRO A 47 4.14 27.34 5.88
C PRO A 47 4.37 28.81 6.23
N GLU A 48 5.57 29.13 6.70
CA GLU A 48 5.91 30.49 7.06
C GLU A 48 5.94 31.41 5.86
N ASP A 49 6.21 30.85 4.68
CA ASP A 49 6.27 31.63 3.45
C ASP A 49 5.00 31.42 2.62
N PHE A 50 3.91 31.05 3.30
CA PHE A 50 2.63 30.80 2.65
C PHE A 50 2.24 31.94 1.71
N ASP A 51 2.26 33.17 2.23
CA ASP A 51 1.89 34.33 1.45
C ASP A 51 2.81 34.54 0.25
N GLU A 52 4.13 34.43 0.47
CA GLU A 52 5.07 34.61 -0.62
C GLU A 52 4.86 33.54 -1.67
N TYR A 53 4.65 32.30 -1.21
CA TYR A 53 4.41 31.17 -2.10
C TYR A 53 3.28 31.45 -3.07
N TRP A 54 2.14 31.89 -2.52
CA TRP A 54 0.98 32.19 -3.34
C TRP A 54 1.08 33.46 -4.18
N ASN A 55 1.77 34.48 -3.67
CA ASN A 55 1.92 35.71 -4.45
C ASN A 55 2.75 35.36 -5.69
N ARG A 56 3.69 34.45 -5.51
CA ARG A 56 4.56 33.99 -6.59
C ARG A 56 3.72 33.21 -7.61
N ALA A 57 2.87 32.33 -7.10
CA ALA A 57 2.00 31.51 -7.96
C ALA A 57 1.08 32.39 -8.79
N LEU A 58 0.47 33.38 -8.15
CA LEU A 58 -0.42 34.29 -8.85
C LEU A 58 0.33 35.05 -9.95
N ASP A 59 1.58 35.40 -9.68
CA ASP A 59 2.40 36.09 -10.67
C ASP A 59 2.56 35.20 -11.89
N GLU A 60 2.89 33.93 -11.67
CA GLU A 60 3.06 33.01 -12.79
C GLU A 60 1.75 32.86 -13.56
N MET A 61 0.64 32.76 -12.85
CA MET A 61 -0.66 32.62 -13.50
C MET A 61 -0.98 33.85 -14.34
N ARG A 62 -0.76 35.03 -13.76
CA ARG A 62 -1.04 36.28 -14.46
C ARG A 62 -0.16 36.55 -15.68
N SER A 63 0.95 35.82 -15.80
CA SER A 63 1.83 36.02 -16.95
C SER A 63 1.45 35.08 -18.10
N VAL A 64 0.48 34.20 -17.86
CA VAL A 64 0.06 33.26 -18.89
C VAL A 64 -0.88 33.86 -19.93
N ASP A 65 -0.65 33.51 -21.19
CA ASP A 65 -1.51 33.95 -22.28
C ASP A 65 -2.55 32.85 -22.37
N PRO A 66 -3.80 33.14 -21.98
CA PRO A 66 -4.88 32.13 -22.03
C PRO A 66 -5.23 31.59 -23.41
N LYS A 67 -5.06 32.41 -24.45
CA LYS A 67 -5.39 31.99 -25.81
C LYS A 67 -6.72 31.25 -25.81
N ILE A 68 -7.74 31.91 -25.28
CA ILE A 68 -9.07 31.36 -25.17
C ILE A 68 -9.70 30.95 -26.50
N GLU A 69 -10.37 29.80 -26.50
CA GLU A 69 -11.04 29.29 -27.68
C GLU A 69 -12.42 28.79 -27.27
N LEU A 70 -13.43 29.15 -28.05
CA LEU A 70 -14.79 28.73 -27.77
C LEU A 70 -15.27 27.85 -28.91
N LYS A 71 -15.87 26.71 -28.57
CA LYS A 71 -16.38 25.80 -29.57
C LYS A 71 -17.83 25.48 -29.25
N GLU A 72 -18.71 25.64 -30.23
CA GLU A 72 -20.11 25.34 -30.00
C GLU A 72 -20.27 23.88 -29.58
N SER A 73 -21.07 23.67 -28.55
CA SER A 73 -21.30 22.31 -28.05
C SER A 73 -22.34 21.60 -28.90
N SER A 74 -22.31 20.28 -28.89
CA SER A 74 -23.28 19.48 -29.63
C SER A 74 -24.62 19.62 -28.90
N PHE A 75 -24.56 19.98 -27.63
CA PHE A 75 -25.75 20.19 -26.81
C PHE A 75 -26.23 21.62 -27.07
N GLN A 76 -27.43 21.77 -27.62
CA GLN A 76 -27.95 23.09 -27.93
C GLN A 76 -29.40 23.32 -27.50
N VAL A 77 -29.66 24.52 -26.99
CA VAL A 77 -31.00 24.92 -26.57
C VAL A 77 -31.26 26.25 -27.26
N SER A 78 -32.52 26.62 -27.42
CA SER A 78 -32.88 27.86 -28.10
C SER A 78 -32.74 29.13 -27.25
N PHE A 79 -32.76 28.98 -25.94
CA PHE A 79 -32.69 30.13 -25.03
C PHE A 79 -31.31 30.48 -24.49
N ALA A 80 -30.27 29.81 -24.99
CA ALA A 80 -28.92 30.08 -24.53
C ALA A 80 -27.89 29.50 -25.49
N GLU A 81 -26.66 29.95 -25.36
CA GLU A 81 -25.55 29.47 -26.18
C GLU A 81 -24.68 28.57 -25.31
N CYS A 82 -24.47 27.34 -25.76
CA CYS A 82 -23.64 26.38 -25.01
C CYS A 82 -22.31 26.20 -25.71
N TYR A 83 -21.24 26.59 -25.02
CA TYR A 83 -19.89 26.51 -25.57
C TYR A 83 -18.94 25.71 -24.71
N ASP A 84 -17.99 25.05 -25.37
CA ASP A 84 -16.93 24.33 -24.69
C ASP A 84 -15.83 25.39 -24.71
N LEU A 85 -15.42 25.82 -23.53
CA LEU A 85 -14.39 26.84 -23.41
C LEU A 85 -13.04 26.24 -23.03
N TYR A 86 -11.99 26.67 -23.72
CA TYR A 86 -10.64 26.19 -23.44
C TYR A 86 -9.70 27.35 -23.24
N PHE A 87 -8.84 27.24 -22.24
CA PHE A 87 -7.85 28.28 -21.99
C PHE A 87 -6.58 27.62 -21.48
N THR A 88 -5.46 28.29 -21.67
CA THR A 88 -4.19 27.75 -21.22
C THR A 88 -3.86 28.24 -19.82
N GLY A 89 -3.57 27.29 -18.92
CA GLY A 89 -3.24 27.64 -17.55
C GLY A 89 -1.74 27.57 -17.36
N VAL A 90 -1.28 27.60 -16.10
CA VAL A 90 0.15 27.54 -15.85
C VAL A 90 0.72 26.23 -16.37
N ARG A 91 2.00 26.27 -16.72
CA ARG A 91 2.73 25.10 -17.24
C ARG A 91 2.21 24.63 -18.60
N GLY A 92 1.49 25.51 -19.29
CA GLY A 92 0.98 25.19 -20.62
C GLY A 92 -0.20 24.24 -20.71
N ALA A 93 -0.83 23.93 -19.59
CA ALA A 93 -1.97 23.01 -19.59
C ALA A 93 -3.23 23.63 -20.22
N ARG A 94 -3.86 22.90 -21.12
CA ARG A 94 -5.07 23.38 -21.76
C ARG A 94 -6.24 22.98 -20.85
N ILE A 95 -6.91 23.97 -20.27
CA ILE A 95 -8.02 23.72 -19.35
C ILE A 95 -9.37 23.82 -20.05
N HIS A 96 -10.31 22.99 -19.64
CA HIS A 96 -11.65 22.99 -20.23
C HIS A 96 -12.75 23.30 -19.22
N ALA A 97 -13.79 23.96 -19.70
CA ALA A 97 -14.94 24.30 -18.88
C ALA A 97 -16.16 24.47 -19.76
N LYS A 98 -17.31 24.02 -19.27
CA LYS A 98 -18.55 24.19 -20.00
C LYS A 98 -18.87 25.67 -19.81
N TYR A 99 -19.49 26.28 -20.80
CA TYR A 99 -19.84 27.70 -20.74
C TYR A 99 -21.21 27.92 -21.39
N ILE A 100 -22.17 28.31 -20.56
CA ILE A 100 -23.54 28.55 -21.03
C ILE A 100 -23.87 30.02 -20.84
N LYS A 101 -24.25 30.65 -21.95
CA LYS A 101 -24.58 32.07 -21.94
C LYS A 101 -26.04 32.27 -22.33
N PRO A 102 -26.82 32.92 -21.46
CA PRO A 102 -28.24 33.16 -21.77
C PRO A 102 -28.39 34.15 -22.91
N LYS A 103 -29.42 33.95 -23.73
CA LYS A 103 -29.68 34.85 -24.84
C LYS A 103 -30.48 36.05 -24.36
N THR A 104 -29.85 36.88 -23.55
CA THR A 104 -30.49 38.08 -23.02
C THR A 104 -29.56 39.26 -23.28
N GLU A 105 -30.11 40.46 -23.24
CA GLU A 105 -29.31 41.66 -23.48
C GLU A 105 -28.70 42.15 -22.16
N GLY A 106 -27.59 42.89 -22.26
CA GLY A 106 -26.94 43.43 -21.08
C GLY A 106 -26.11 42.49 -20.24
N LYS A 107 -25.37 43.07 -19.30
CA LYS A 107 -24.51 42.31 -18.38
C LYS A 107 -25.35 41.75 -17.24
N HIS A 108 -24.86 40.67 -16.63
CA HIS A 108 -25.57 40.03 -15.53
C HIS A 108 -24.63 39.16 -14.70
N PRO A 109 -25.14 38.53 -13.63
CA PRO A 109 -24.28 37.69 -12.79
C PRO A 109 -23.81 36.43 -13.50
N ALA A 110 -22.80 35.79 -12.90
CA ALA A 110 -22.26 34.56 -13.44
C ALA A 110 -21.93 33.63 -12.28
N LEU A 111 -22.06 32.33 -12.53
CA LEU A 111 -21.76 31.33 -11.51
C LEU A 111 -20.71 30.38 -12.07
N ILE A 112 -19.70 30.07 -11.28
CA ILE A 112 -18.66 29.14 -11.70
C ILE A 112 -18.72 27.92 -10.78
N ARG A 113 -19.05 26.76 -11.35
CA ARG A 113 -19.14 25.53 -10.57
C ARG A 113 -17.86 24.70 -10.67
N PHE A 114 -17.51 24.07 -9.56
CA PHE A 114 -16.33 23.20 -9.48
C PHE A 114 -16.85 21.83 -9.03
N HIS A 115 -16.26 20.77 -9.58
CA HIS A 115 -16.73 19.42 -9.29
C HIS A 115 -15.98 18.60 -8.25
N GLY A 116 -16.60 17.47 -7.90
CA GLY A 116 -16.03 16.55 -6.92
C GLY A 116 -14.79 15.82 -7.41
N TYR A 117 -14.08 15.23 -6.46
CA TYR A 117 -12.85 14.49 -6.71
C TYR A 117 -13.06 13.32 -7.67
N SER A 118 -12.33 13.34 -8.79
CA SER A 118 -12.37 12.31 -9.83
C SER A 118 -13.53 12.46 -10.81
N SER A 119 -14.40 13.44 -10.58
CA SER A 119 -15.54 13.66 -11.45
C SER A 119 -15.20 14.66 -12.54
N ASN A 120 -16.23 15.35 -13.05
CA ASN A 120 -16.05 16.35 -14.09
C ASN A 120 -17.21 17.34 -14.04
N SER A 121 -17.25 18.27 -14.99
CA SER A 121 -18.30 19.28 -15.05
C SER A 121 -19.72 18.74 -15.18
N GLY A 122 -19.85 17.45 -15.48
CA GLY A 122 -21.16 16.84 -15.60
C GLY A 122 -21.94 17.11 -16.87
N ASP A 123 -23.27 17.05 -16.76
CA ASP A 123 -24.17 17.28 -17.89
C ASP A 123 -24.44 18.77 -18.07
N TRP A 124 -24.93 19.15 -19.24
CA TRP A 124 -25.25 20.54 -19.53
C TRP A 124 -26.56 20.96 -18.89
N ASN A 125 -27.58 20.14 -19.08
CA ASN A 125 -28.95 20.43 -18.63
C ASN A 125 -29.15 20.91 -17.19
N ASP A 126 -28.51 20.28 -16.22
CA ASP A 126 -28.71 20.68 -14.83
C ASP A 126 -28.01 21.98 -14.44
N LYS A 127 -27.30 22.59 -15.40
CA LYS A 127 -26.64 23.85 -15.15
C LYS A 127 -27.62 24.96 -15.54
N LEU A 128 -28.66 24.57 -16.28
CA LEU A 128 -29.65 25.52 -16.77
C LEU A 128 -30.58 26.10 -15.70
N ASN A 129 -30.55 25.56 -14.50
CA ASN A 129 -31.42 26.11 -13.45
C ASN A 129 -31.00 27.55 -13.15
N TYR A 130 -29.69 27.82 -13.20
CA TYR A 130 -29.22 29.19 -12.96
C TYR A 130 -29.34 30.03 -14.23
N VAL A 131 -29.31 29.38 -15.39
CA VAL A 131 -29.45 30.11 -16.64
C VAL A 131 -30.88 30.65 -16.65
N ALA A 132 -31.80 29.89 -16.07
CA ALA A 132 -33.20 30.32 -16.00
C ALA A 132 -33.27 31.64 -15.21
N ALA A 133 -32.30 31.83 -14.32
CA ALA A 133 -32.26 33.04 -13.50
C ALA A 133 -31.47 34.14 -14.20
N GLY A 134 -31.10 33.90 -15.46
CA GLY A 134 -30.37 34.91 -16.22
C GLY A 134 -28.87 34.92 -16.01
N PHE A 135 -28.34 33.91 -15.33
CA PHE A 135 -26.91 33.82 -15.07
C PHE A 135 -26.16 33.19 -16.23
N THR A 136 -24.87 33.54 -16.34
CA THR A 136 -24.00 32.90 -17.31
C THR A 136 -23.47 31.81 -16.36
N VAL A 137 -23.37 30.57 -16.84
CA VAL A 137 -22.88 29.50 -15.98
C VAL A 137 -21.66 28.82 -16.59
N VAL A 138 -20.62 28.66 -15.77
CA VAL A 138 -19.38 28.02 -16.19
C VAL A 138 -19.05 26.89 -15.23
N ALA A 139 -18.63 25.74 -15.77
CA ALA A 139 -18.28 24.58 -14.96
C ALA A 139 -16.93 24.05 -15.46
N MET A 140 -15.89 24.25 -14.65
CA MET A 140 -14.53 23.85 -15.00
C MET A 140 -14.19 22.38 -14.70
N ASP A 141 -13.37 21.80 -15.55
CA ASP A 141 -12.92 20.42 -15.36
C ASP A 141 -11.55 20.53 -14.71
N VAL A 142 -11.31 19.74 -13.67
CA VAL A 142 -10.02 19.74 -12.99
C VAL A 142 -9.01 18.98 -13.85
N ARG A 143 -7.77 19.46 -13.89
CA ARG A 143 -6.71 18.80 -14.65
C ARG A 143 -6.60 17.31 -14.35
N GLY A 144 -6.49 16.52 -15.40
CA GLY A 144 -6.33 15.08 -15.26
C GLY A 144 -7.35 14.26 -14.49
N GLN A 145 -8.55 14.78 -14.28
CA GLN A 145 -9.55 13.99 -13.58
C GLN A 145 -10.56 13.39 -14.55
N GLY A 146 -11.85 13.50 -14.27
CA GLY A 146 -12.83 12.89 -15.16
C GLY A 146 -13.27 13.67 -16.39
N GLY A 147 -12.73 14.87 -16.57
CA GLY A 147 -13.14 15.70 -17.70
C GLY A 147 -12.15 15.82 -18.84
N GLN A 148 -12.11 17.00 -19.46
CA GLN A 148 -11.23 17.25 -20.58
C GLN A 148 -10.09 18.24 -20.32
N SER A 149 -9.73 18.42 -19.05
CA SER A 149 -8.65 19.34 -18.72
C SER A 149 -7.34 18.57 -18.62
N GLN A 150 -6.28 19.18 -19.16
CA GLN A 150 -4.97 18.55 -19.19
C GLN A 150 -4.07 18.74 -17.96
N ASP A 151 -3.36 17.68 -17.61
CA ASP A 151 -2.39 17.67 -16.52
C ASP A 151 -1.10 17.33 -17.26
N VAL A 152 -0.25 18.33 -17.46
CA VAL A 152 1.00 18.15 -18.17
C VAL A 152 2.01 17.31 -17.40
N GLY A 153 1.70 17.04 -16.13
CA GLY A 153 2.60 16.25 -15.31
C GLY A 153 3.98 16.84 -15.19
N GLY A 154 5.00 15.99 -15.33
CA GLY A 154 6.36 16.46 -15.22
C GLY A 154 6.80 16.62 -13.78
N VAL A 155 6.29 15.74 -12.91
CA VAL A 155 6.64 15.79 -11.51
C VAL A 155 7.33 14.51 -11.09
N THR A 156 8.13 14.59 -10.03
CA THR A 156 8.82 13.40 -9.53
C THR A 156 7.92 12.80 -8.46
N GLY A 157 8.19 11.57 -8.09
CA GLY A 157 7.37 10.94 -7.07
C GLY A 157 6.18 10.19 -7.65
N ASN A 158 5.31 9.72 -6.76
CA ASN A 158 4.12 8.96 -7.12
C ASN A 158 3.17 9.65 -8.11
N THR A 159 2.66 8.88 -9.08
CA THR A 159 1.72 9.41 -10.08
C THR A 159 0.58 8.40 -10.28
N LEU A 160 0.56 7.35 -9.47
CA LEU A 160 -0.46 6.32 -9.58
C LEU A 160 -1.82 6.66 -8.96
N ASN A 161 -1.82 7.20 -7.75
CA ASN A 161 -3.07 7.53 -7.10
C ASN A 161 -3.08 8.81 -6.28
N GLY A 162 -4.04 9.68 -6.58
CA GLY A 162 -4.19 10.92 -5.82
C GLY A 162 -3.50 12.17 -6.32
N HIS A 163 -4.25 13.27 -6.36
CA HIS A 163 -3.72 14.55 -6.79
C HIS A 163 -3.22 15.39 -5.61
N ILE A 164 -3.66 15.06 -4.40
CA ILE A 164 -3.23 15.80 -3.22
C ILE A 164 -1.73 15.63 -3.00
N ILE A 165 -1.23 14.41 -3.13
CA ILE A 165 0.19 14.14 -2.95
C ILE A 165 0.97 14.22 -4.26
N ARG A 166 0.28 14.57 -5.34
CA ARG A 166 0.94 14.67 -6.65
C ARG A 166 1.91 15.87 -6.62
N GLY A 167 3.20 15.58 -6.76
CA GLY A 167 4.21 16.62 -6.73
C GLY A 167 4.67 16.94 -5.31
N LEU A 168 4.22 16.14 -4.35
CA LEU A 168 4.58 16.35 -2.96
C LEU A 168 6.09 16.16 -2.71
N ASP A 169 6.72 15.24 -3.44
CA ASP A 169 8.17 15.01 -3.28
C ASP A 169 8.98 15.86 -4.25
N ASP A 170 8.29 16.74 -4.98
CA ASP A 170 8.95 17.63 -5.93
C ASP A 170 8.98 19.00 -5.25
N ASP A 171 9.45 20.03 -5.96
CA ASP A 171 9.46 21.37 -5.36
C ASP A 171 8.02 21.80 -5.07
N ALA A 172 7.82 22.52 -3.97
CA ALA A 172 6.48 22.97 -3.58
C ALA A 172 5.74 23.68 -4.71
N ASP A 173 6.46 24.43 -5.54
CA ASP A 173 5.85 25.15 -6.64
C ASP A 173 5.36 24.24 -7.76
N ASN A 174 5.63 22.93 -7.64
CA ASN A 174 5.21 21.98 -8.67
C ASN A 174 4.06 21.07 -8.21
N MET A 175 3.47 21.41 -7.05
CA MET A 175 2.38 20.61 -6.53
C MET A 175 1.16 20.83 -7.43
N LEU A 176 0.57 19.74 -7.91
CA LEU A 176 -0.56 19.82 -8.83
C LEU A 176 -1.77 20.64 -8.36
N PHE A 177 -2.18 20.53 -7.11
CA PHE A 177 -3.33 21.31 -6.67
C PHE A 177 -3.01 22.80 -6.62
N ARG A 178 -1.72 23.12 -6.69
CA ARG A 178 -1.29 24.51 -6.69
C ARG A 178 -1.71 25.05 -8.06
N HIS A 179 -1.45 24.27 -9.11
CA HIS A 179 -1.82 24.68 -10.46
C HIS A 179 -3.33 24.70 -10.62
N ILE A 180 -3.98 23.67 -10.09
CA ILE A 180 -5.44 23.57 -10.15
C ILE A 180 -6.08 24.79 -9.48
N PHE A 181 -5.59 25.15 -8.30
CA PHE A 181 -6.12 26.32 -7.61
C PHE A 181 -5.94 27.53 -8.52
N LEU A 182 -4.76 27.66 -9.11
CA LEU A 182 -4.48 28.77 -10.02
C LEU A 182 -5.45 28.77 -11.20
N ASP A 183 -5.81 27.57 -11.69
CA ASP A 183 -6.74 27.49 -12.81
C ASP A 183 -8.08 28.13 -12.41
N THR A 184 -8.54 27.87 -11.19
CA THR A 184 -9.82 28.45 -10.76
C THR A 184 -9.73 29.97 -10.71
N ALA A 185 -8.62 30.49 -10.21
CA ALA A 185 -8.42 31.94 -10.10
C ALA A 185 -8.37 32.56 -11.49
N GLN A 186 -7.64 31.91 -12.40
CA GLN A 186 -7.50 32.39 -13.76
C GLN A 186 -8.85 32.37 -14.47
N LEU A 187 -9.60 31.29 -14.25
CA LEU A 187 -10.91 31.17 -14.87
C LEU A 187 -11.86 32.25 -14.35
N ALA A 188 -11.76 32.58 -13.07
CA ALA A 188 -12.62 33.61 -12.49
C ALA A 188 -12.36 34.95 -13.18
N GLY A 189 -11.09 35.23 -13.47
CA GLY A 189 -10.73 36.47 -14.14
C GLY A 189 -11.22 36.48 -15.57
N ILE A 190 -11.15 35.32 -16.23
CA ILE A 190 -11.60 35.21 -17.61
C ILE A 190 -13.11 35.44 -17.65
N VAL A 191 -13.82 34.85 -16.69
CA VAL A 191 -15.26 35.00 -16.62
C VAL A 191 -15.63 36.46 -16.39
N MET A 192 -14.89 37.11 -15.50
CA MET A 192 -15.13 38.52 -15.19
C MET A 192 -14.87 39.43 -16.39
N ASN A 193 -14.14 38.93 -17.39
CA ASN A 193 -13.85 39.72 -18.59
C ASN A 193 -14.81 39.42 -19.73
N MET A 194 -15.76 38.51 -19.51
CA MET A 194 -16.72 38.19 -20.56
C MET A 194 -17.62 39.42 -20.76
N PRO A 195 -17.99 39.71 -22.01
CA PRO A 195 -18.84 40.86 -22.30
C PRO A 195 -20.21 40.90 -21.60
N GLU A 196 -20.84 39.74 -21.44
CA GLU A 196 -22.16 39.69 -20.81
C GLU A 196 -22.10 39.56 -19.28
N VAL A 197 -20.89 39.50 -18.74
CA VAL A 197 -20.73 39.35 -17.30
C VAL A 197 -20.33 40.61 -16.54
N ASP A 198 -21.08 40.91 -15.48
CA ASP A 198 -20.78 42.05 -14.62
C ASP A 198 -19.71 41.50 -13.67
N GLU A 199 -18.49 42.00 -13.80
CA GLU A 199 -17.38 41.51 -12.98
C GLU A 199 -17.57 41.61 -11.47
N ASP A 200 -18.55 42.38 -11.01
CA ASP A 200 -18.80 42.50 -9.57
C ASP A 200 -19.94 41.60 -9.11
N ARG A 201 -20.46 40.77 -10.00
CA ARG A 201 -21.57 39.87 -9.66
C ARG A 201 -21.24 38.42 -10.03
N VAL A 202 -20.10 37.92 -9.56
CA VAL A 202 -19.68 36.56 -9.86
C VAL A 202 -19.62 35.70 -8.60
N GLY A 203 -20.22 34.51 -8.69
CA GLY A 203 -20.23 33.59 -7.57
C GLY A 203 -19.62 32.25 -7.98
N VAL A 204 -19.11 31.51 -7.00
CA VAL A 204 -18.52 30.21 -7.25
C VAL A 204 -19.15 29.21 -6.29
N MET A 205 -19.26 27.95 -6.73
CA MET A 205 -19.91 26.93 -5.92
C MET A 205 -19.46 25.52 -6.26
N GLY A 206 -19.56 24.62 -5.27
CA GLY A 206 -19.18 23.24 -5.48
C GLY A 206 -19.23 22.40 -4.23
N PRO A 207 -19.38 21.07 -4.38
CA PRO A 207 -19.42 20.15 -3.23
C PRO A 207 -18.10 19.39 -3.09
N SER A 208 -17.72 19.07 -1.86
CA SER A 208 -16.49 18.31 -1.59
C SER A 208 -15.28 19.00 -2.23
N GLN A 209 -14.61 18.31 -3.16
CA GLN A 209 -13.44 18.92 -3.83
C GLN A 209 -13.87 20.26 -4.42
N GLY A 210 -15.06 20.29 -5.01
CA GLY A 210 -15.58 21.51 -5.61
C GLY A 210 -15.80 22.59 -4.57
N GLY A 211 -16.07 22.17 -3.34
CA GLY A 211 -16.28 23.12 -2.26
C GLY A 211 -14.94 23.67 -1.82
N GLY A 212 -13.90 22.84 -1.91
CA GLY A 212 -12.58 23.27 -1.52
C GLY A 212 -12.04 24.23 -2.58
N LEU A 213 -12.32 23.90 -3.84
CA LEU A 213 -11.89 24.73 -4.96
C LEU A 213 -12.63 26.07 -4.96
N SER A 214 -13.87 26.07 -4.48
CA SER A 214 -14.65 27.31 -4.43
C SER A 214 -13.99 28.28 -3.45
N LEU A 215 -13.54 27.75 -2.32
CA LEU A 215 -12.87 28.56 -1.31
C LEU A 215 -11.54 29.07 -1.86
N ALA A 216 -10.78 28.18 -2.49
CA ALA A 216 -9.48 28.53 -3.07
C ALA A 216 -9.65 29.62 -4.12
N CYS A 217 -10.63 29.45 -4.99
CA CYS A 217 -10.90 30.40 -6.06
C CYS A 217 -11.24 31.79 -5.52
N ALA A 218 -12.17 31.85 -4.56
CA ALA A 218 -12.59 33.12 -3.97
C ALA A 218 -11.47 33.73 -3.15
N ALA A 219 -10.49 32.90 -2.76
CA ALA A 219 -9.37 33.39 -1.97
C ALA A 219 -8.29 33.99 -2.87
N LEU A 220 -8.04 33.34 -4.00
CA LEU A 220 -7.03 33.79 -4.94
C LEU A 220 -7.52 34.87 -5.91
N GLU A 221 -8.84 35.00 -6.03
CA GLU A 221 -9.45 36.03 -6.85
C GLU A 221 -10.50 36.69 -5.95
N PRO A 222 -10.03 37.59 -5.06
CA PRO A 222 -10.85 38.33 -4.09
C PRO A 222 -12.06 39.07 -4.68
N ARG A 223 -12.06 39.26 -6.00
CA ARG A 223 -13.18 39.95 -6.63
C ARG A 223 -14.45 39.10 -6.61
N VAL A 224 -14.29 37.78 -6.46
CA VAL A 224 -15.45 36.90 -6.40
C VAL A 224 -16.37 37.38 -5.28
N ARG A 225 -17.64 37.60 -5.62
CA ARG A 225 -18.63 38.14 -4.69
C ARG A 225 -19.40 37.16 -3.78
N LYS A 226 -19.72 35.97 -4.30
CA LYS A 226 -20.45 34.96 -3.53
C LYS A 226 -19.75 33.61 -3.55
N VAL A 227 -19.82 32.88 -2.43
CA VAL A 227 -19.18 31.57 -2.34
C VAL A 227 -20.03 30.52 -1.65
N VAL A 228 -20.32 29.44 -2.35
CA VAL A 228 -21.09 28.33 -1.76
C VAL A 228 -20.15 27.14 -1.72
N SER A 229 -19.82 26.73 -0.50
CA SER A 229 -18.90 25.60 -0.28
C SER A 229 -19.60 24.50 0.52
N GLU A 230 -19.92 23.42 -0.16
CA GLU A 230 -20.60 22.29 0.46
C GLU A 230 -19.63 21.22 0.92
N TYR A 231 -19.65 20.90 2.21
CA TYR A 231 -18.76 19.91 2.80
C TYR A 231 -17.43 19.86 2.07
N PRO A 232 -16.66 20.96 2.15
CA PRO A 232 -15.35 21.09 1.49
C PRO A 232 -14.31 20.04 1.80
N PHE A 233 -13.59 19.66 0.75
CA PHE A 233 -12.51 18.68 0.77
C PHE A 233 -11.25 19.55 0.66
N LEU A 234 -10.08 18.97 0.96
CA LEU A 234 -8.81 19.69 0.87
C LEU A 234 -8.58 20.69 2.00
N SER A 235 -9.02 20.34 3.20
CA SER A 235 -8.87 21.22 4.34
C SER A 235 -8.38 20.54 5.61
N ASP A 236 -7.39 21.14 6.26
CA ASP A 236 -6.91 20.64 7.55
C ASP A 236 -6.46 19.17 7.47
N TYR A 237 -5.58 18.87 6.52
CA TYR A 237 -5.08 17.51 6.32
C TYR A 237 -4.68 16.76 7.59
N LYS A 238 -3.80 17.36 8.40
CA LYS A 238 -3.34 16.73 9.64
C LYS A 238 -4.49 16.26 10.54
N ARG A 239 -5.55 17.06 10.62
CA ARG A 239 -6.71 16.72 11.44
C ARG A 239 -7.32 15.40 10.96
N VAL A 240 -7.50 15.27 9.65
CA VAL A 240 -8.07 14.06 9.08
C VAL A 240 -7.24 12.84 9.51
N TRP A 241 -5.93 12.98 9.43
CA TRP A 241 -5.03 11.90 9.80
C TRP A 241 -5.14 11.59 11.30
N ASP A 242 -5.23 12.63 12.13
CA ASP A 242 -5.35 12.46 13.57
C ASP A 242 -6.59 11.64 13.97
N LEU A 243 -7.67 11.83 13.23
CA LEU A 243 -8.93 11.12 13.51
C LEU A 243 -8.95 9.72 12.91
N ASP A 244 -7.80 9.26 12.41
CA ASP A 244 -7.71 7.93 11.79
C ASP A 244 -8.73 7.88 10.65
N LEU A 245 -8.89 8.99 9.96
CA LEU A 245 -9.84 9.10 8.86
C LEU A 245 -9.15 9.38 7.53
N ALA A 246 -7.83 9.26 7.51
CA ALA A 246 -7.06 9.47 6.28
C ALA A 246 -7.33 8.25 5.41
N LYS A 247 -8.58 8.09 5.02
CA LYS A 247 -9.02 6.99 4.18
C LYS A 247 -10.09 7.54 3.25
N ASN A 248 -10.68 6.66 2.44
CA ASN A 248 -11.70 7.09 1.49
C ASN A 248 -11.06 8.15 0.58
N ALA A 249 -11.63 9.35 0.54
CA ALA A 249 -11.09 10.41 -0.30
C ALA A 249 -9.68 10.84 0.09
N TYR A 250 -9.35 10.72 1.38
CA TYR A 250 -8.03 11.09 1.87
C TYR A 250 -7.06 9.92 2.03
N GLN A 251 -7.40 8.77 1.45
CA GLN A 251 -6.57 7.58 1.54
C GLN A 251 -5.11 7.78 1.11
N GLU A 252 -4.90 8.61 0.09
CA GLU A 252 -3.57 8.85 -0.44
C GLU A 252 -2.58 9.40 0.60
N ILE A 253 -3.07 10.11 1.60
CA ILE A 253 -2.18 10.64 2.62
C ILE A 253 -1.60 9.48 3.41
N THR A 254 -2.44 8.47 3.66
CA THR A 254 -2.01 7.27 4.37
C THR A 254 -1.05 6.49 3.46
N ASP A 255 -1.42 6.36 2.18
CA ASP A 255 -0.58 5.64 1.22
C ASP A 255 0.81 6.28 1.17
N TYR A 256 0.84 7.61 1.14
CA TYR A 256 2.11 8.31 1.09
C TYR A 256 3.04 7.92 2.24
N PHE A 257 2.56 8.04 3.47
CA PHE A 257 3.36 7.70 4.62
C PHE A 257 3.78 6.22 4.63
N ARG A 258 2.84 5.34 4.31
CA ARG A 258 3.13 3.90 4.30
C ARG A 258 4.29 3.58 3.35
N LEU A 259 4.34 4.27 2.22
CA LEU A 259 5.37 4.02 1.22
C LEU A 259 6.64 4.85 1.32
N PHE A 260 6.49 6.11 1.69
CA PHE A 260 7.63 7.03 1.74
C PHE A 260 8.12 7.51 3.10
N ASP A 261 7.35 7.25 4.15
CA ASP A 261 7.76 7.67 5.49
C ASP A 261 6.97 6.84 6.50
N PRO A 262 7.17 5.51 6.48
CA PRO A 262 6.49 4.57 7.37
C PRO A 262 6.57 4.86 8.86
N ARG A 263 7.69 5.38 9.33
CA ARG A 263 7.80 5.68 10.75
C ARG A 263 7.59 7.15 11.08
N HIS A 264 7.10 7.90 10.09
CA HIS A 264 6.81 9.32 10.24
C HIS A 264 7.97 10.18 10.72
N GLU A 265 9.13 9.99 10.11
CA GLU A 265 10.31 10.76 10.47
C GLU A 265 10.27 12.14 9.82
N ARG A 266 9.39 12.31 8.83
CA ARG A 266 9.26 13.59 8.13
C ARG A 266 7.82 14.11 8.22
N GLU A 267 7.10 13.65 9.23
CA GLU A 267 5.71 14.04 9.43
C GLU A 267 5.43 15.54 9.39
N ASN A 268 6.11 16.31 10.24
CA ASN A 268 5.88 17.75 10.28
C ASN A 268 6.17 18.42 8.93
N GLU A 269 7.24 17.98 8.26
CA GLU A 269 7.59 18.57 6.96
C GLU A 269 6.53 18.22 5.92
N VAL A 270 6.01 17.00 5.99
CA VAL A 270 4.99 16.56 5.04
C VAL A 270 3.71 17.39 5.19
N PHE A 271 3.19 17.46 6.41
CA PHE A 271 1.96 18.22 6.63
C PHE A 271 2.14 19.73 6.46
N THR A 272 3.35 20.23 6.72
CA THR A 272 3.61 21.65 6.54
C THR A 272 3.55 21.96 5.06
N LYS A 273 4.16 21.08 4.25
CA LYS A 273 4.16 21.26 2.81
C LYS A 273 2.73 21.18 2.28
N LEU A 274 1.93 20.27 2.83
CA LEU A 274 0.54 20.13 2.42
C LEU A 274 -0.21 21.41 2.83
N GLY A 275 0.39 22.16 3.74
CA GLY A 275 -0.22 23.40 4.19
C GLY A 275 -0.39 24.40 3.07
N TYR A 276 0.44 24.29 2.04
CA TYR A 276 0.35 25.19 0.89
C TYR A 276 -0.96 25.05 0.15
N ILE A 277 -1.55 23.85 0.20
CA ILE A 277 -2.80 23.61 -0.51
C ILE A 277 -3.94 23.26 0.44
N ASP A 278 -3.84 23.77 1.67
CA ASP A 278 -4.86 23.56 2.69
C ASP A 278 -5.76 24.78 2.60
N VAL A 279 -6.97 24.61 2.07
CA VAL A 279 -7.89 25.74 1.93
C VAL A 279 -8.17 26.52 3.21
N LYS A 280 -8.01 25.88 4.36
CA LYS A 280 -8.27 26.57 5.62
C LYS A 280 -7.22 27.68 5.77
N ASN A 281 -6.09 27.57 5.07
CA ASN A 281 -5.05 28.57 5.16
C ASN A 281 -5.30 29.73 4.19
N LEU A 282 -5.97 29.43 3.07
CA LEU A 282 -6.29 30.45 2.07
C LEU A 282 -7.55 31.20 2.47
N ALA A 283 -8.39 30.55 3.26
CA ALA A 283 -9.66 31.10 3.71
C ALA A 283 -9.66 32.55 4.17
N LYS A 284 -8.59 32.98 4.82
CA LYS A 284 -8.51 34.35 5.32
C LYS A 284 -8.52 35.43 4.23
N ARG A 285 -8.25 35.02 2.99
CA ARG A 285 -8.20 35.97 1.88
C ARG A 285 -9.54 36.26 1.23
N ILE A 286 -10.50 35.37 1.43
CA ILE A 286 -11.82 35.53 0.83
C ILE A 286 -12.48 36.84 1.24
N LYS A 287 -13.09 37.52 0.26
CA LYS A 287 -13.76 38.79 0.50
C LYS A 287 -15.26 38.66 0.28
N GLY A 288 -15.65 37.75 -0.63
CA GLY A 288 -17.06 37.57 -0.92
C GLY A 288 -17.81 36.96 0.24
N ASP A 289 -19.13 36.95 0.15
CA ASP A 289 -19.97 36.35 1.19
C ASP A 289 -19.91 34.85 1.03
N VAL A 290 -19.90 34.13 2.15
CA VAL A 290 -19.81 32.68 2.11
C VAL A 290 -20.99 31.95 2.78
N LEU A 291 -21.44 30.88 2.14
CA LEU A 291 -22.51 30.05 2.67
C LEU A 291 -21.98 28.63 2.55
N MET A 292 -21.90 27.93 3.67
CA MET A 292 -21.39 26.57 3.68
C MET A 292 -22.38 25.62 4.33
N CYS A 293 -22.17 24.31 4.15
CA CYS A 293 -23.02 23.32 4.78
C CYS A 293 -22.12 22.18 5.24
N VAL A 294 -22.51 21.52 6.32
CA VAL A 294 -21.71 20.43 6.86
C VAL A 294 -22.60 19.32 7.42
N GLY A 295 -22.26 18.09 7.08
CA GLY A 295 -23.02 16.95 7.58
C GLY A 295 -22.26 16.38 8.77
N LEU A 296 -22.92 16.27 9.91
CA LEU A 296 -22.24 15.77 11.11
C LEU A 296 -21.93 14.28 11.09
N MET A 297 -22.42 13.57 10.08
CA MET A 297 -22.16 12.14 9.94
C MET A 297 -21.12 11.92 8.84
N ASP A 298 -20.58 13.02 8.30
CA ASP A 298 -19.59 12.95 7.22
C ASP A 298 -18.21 12.50 7.69
N GLN A 299 -17.81 11.29 7.32
CA GLN A 299 -16.49 10.78 7.70
C GLN A 299 -15.49 10.96 6.56
N VAL A 300 -15.98 11.33 5.38
CA VAL A 300 -15.13 11.58 4.23
C VAL A 300 -14.43 12.93 4.44
N CYS A 301 -15.23 13.93 4.80
CA CYS A 301 -14.71 15.26 5.10
C CYS A 301 -15.17 15.56 6.52
N PRO A 302 -14.39 15.12 7.51
CA PRO A 302 -14.67 15.31 8.93
C PRO A 302 -15.22 16.71 9.23
N PRO A 303 -16.31 16.79 10.00
CA PRO A 303 -16.93 18.07 10.36
C PRO A 303 -15.91 19.08 10.87
N SER A 304 -14.96 18.61 11.67
CA SER A 304 -13.93 19.49 12.23
C SER A 304 -13.07 20.16 11.15
N THR A 305 -12.78 19.44 10.06
CA THR A 305 -11.97 20.03 9.00
C THR A 305 -12.80 21.07 8.24
N VAL A 306 -14.11 20.88 8.19
CA VAL A 306 -14.98 21.81 7.51
C VAL A 306 -15.10 23.10 8.35
N PHE A 307 -15.27 22.95 9.66
CA PHE A 307 -15.38 24.12 10.52
C PHE A 307 -14.06 24.88 10.59
N ALA A 308 -12.94 24.18 10.42
CA ALA A 308 -11.64 24.82 10.44
C ALA A 308 -11.57 25.84 9.29
N ALA A 309 -12.06 25.45 8.12
CA ALA A 309 -12.04 26.34 6.97
C ALA A 309 -13.02 27.48 7.24
N TYR A 310 -14.21 27.13 7.69
CA TYR A 310 -15.25 28.12 7.99
C TYR A 310 -14.77 29.15 9.01
N ASN A 311 -14.13 28.68 10.08
CA ASN A 311 -13.66 29.58 11.13
C ASN A 311 -12.45 30.44 10.78
N ASN A 312 -11.89 30.24 9.59
CA ASN A 312 -10.75 31.04 9.17
C ASN A 312 -11.19 32.13 8.19
N ILE A 313 -12.48 32.11 7.86
CA ILE A 313 -13.08 33.08 6.95
C ILE A 313 -13.42 34.34 7.74
N GLN A 314 -13.05 35.50 7.20
CA GLN A 314 -13.29 36.78 7.86
C GLN A 314 -14.41 37.60 7.23
N SER A 315 -14.85 37.22 6.03
CA SER A 315 -15.92 37.95 5.37
C SER A 315 -17.27 37.50 5.92
N LYS A 316 -18.35 38.05 5.38
CA LYS A 316 -19.70 37.68 5.84
C LYS A 316 -19.87 36.19 5.53
N LYS A 317 -20.29 35.42 6.54
CA LYS A 317 -20.44 33.99 6.37
C LYS A 317 -21.53 33.35 7.22
N ASP A 318 -21.95 32.16 6.81
CA ASP A 318 -22.96 31.38 7.51
C ASP A 318 -22.75 29.91 7.14
N ILE A 319 -23.07 29.01 8.08
CA ILE A 319 -22.91 27.59 7.84
C ILE A 319 -24.17 26.83 8.28
N LYS A 320 -24.66 25.96 7.40
CA LYS A 320 -25.84 25.16 7.69
C LYS A 320 -25.41 23.77 8.14
N VAL A 321 -25.88 23.37 9.32
CA VAL A 321 -25.54 22.08 9.90
C VAL A 321 -26.63 21.03 9.71
N TYR A 322 -26.24 19.87 9.20
CA TYR A 322 -27.17 18.76 8.96
C TYR A 322 -26.69 17.55 9.78
N PRO A 323 -27.19 17.43 11.02
CA PRO A 323 -26.83 16.35 11.93
C PRO A 323 -26.88 14.93 11.38
N ASP A 324 -27.90 14.62 10.58
CA ASP A 324 -28.06 13.27 10.07
C ASP A 324 -27.52 13.01 8.67
N TYR A 325 -26.77 13.96 8.13
CA TYR A 325 -26.22 13.77 6.79
C TYR A 325 -24.72 13.54 6.79
N GLY A 326 -24.26 12.80 5.79
CA GLY A 326 -22.85 12.52 5.64
C GLY A 326 -22.31 13.29 4.44
N HIS A 327 -21.41 12.67 3.68
CA HIS A 327 -20.81 13.29 2.51
C HIS A 327 -21.81 13.15 1.36
N GLU A 328 -22.82 14.02 1.34
CA GLU A 328 -23.88 13.92 0.35
C GLU A 328 -24.69 15.21 0.29
N PRO A 329 -25.48 15.39 -0.78
CA PRO A 329 -26.30 16.59 -0.92
C PRO A 329 -27.28 16.63 0.25
N MET A 330 -27.46 17.81 0.85
CA MET A 330 -28.37 17.93 1.98
C MET A 330 -29.69 18.57 1.57
N ARG A 331 -30.79 17.86 1.80
CA ARG A 331 -32.11 18.34 1.42
C ARG A 331 -32.40 19.77 1.83
N GLY A 332 -32.81 20.57 0.85
CA GLY A 332 -33.12 21.95 1.11
C GLY A 332 -31.96 22.91 0.88
N PHE A 333 -30.73 22.45 1.07
CA PHE A 333 -29.58 23.35 0.90
C PHE A 333 -29.46 23.91 -0.51
N GLY A 334 -29.76 23.08 -1.51
CA GLY A 334 -29.68 23.54 -2.89
C GLY A 334 -30.51 24.81 -3.06
N ASP A 335 -31.67 24.84 -2.41
CA ASP A 335 -32.55 26.01 -2.49
C ASP A 335 -31.95 27.20 -1.73
N LEU A 336 -31.33 26.95 -0.58
CA LEU A 336 -30.71 28.03 0.18
C LEU A 336 -29.55 28.60 -0.64
N ALA A 337 -28.83 27.71 -1.31
CA ALA A 337 -27.69 28.12 -2.14
C ALA A 337 -28.15 29.01 -3.30
N MET A 338 -29.21 28.64 -3.99
CA MET A 338 -29.68 29.45 -5.10
C MET A 338 -30.18 30.82 -4.64
N GLN A 339 -30.97 30.85 -3.57
CA GLN A 339 -31.46 32.12 -3.05
C GLN A 339 -30.26 32.97 -2.68
N PHE A 340 -29.21 32.34 -2.15
CA PHE A 340 -27.99 33.03 -1.77
C PHE A 340 -27.32 33.61 -3.00
N MET A 341 -27.26 32.84 -4.08
CA MET A 341 -26.64 33.29 -5.32
C MET A 341 -27.46 34.37 -5.99
N LEU A 342 -28.79 34.26 -5.90
CA LEU A 342 -29.67 35.26 -6.50
C LEU A 342 -29.41 36.63 -5.88
N GLU A 343 -28.76 36.66 -4.73
CA GLU A 343 -28.40 37.91 -4.07
C GLU A 343 -27.39 38.69 -4.91
N LEU A 344 -26.91 38.11 -6.01
CA LEU A 344 -25.95 38.82 -6.86
C LEU A 344 -26.61 39.94 -7.67
N TYR A 345 -27.91 39.80 -7.92
CA TYR A 345 -28.67 40.81 -8.65
C TYR A 345 -28.95 41.98 -7.73
N SER A 346 -29.32 43.14 -8.25
CA SER A 346 -29.62 44.25 -7.36
C SER A 346 -31.11 44.26 -7.05
N PHE B 30 -17.12 -18.07 -10.53
CA PHE B 30 -17.06 -16.73 -11.18
C PHE B 30 -16.29 -16.79 -12.50
N ASP B 31 -15.64 -17.92 -12.78
CA ASP B 31 -14.89 -18.09 -14.02
C ASP B 31 -15.14 -19.49 -14.57
N MET B 32 -14.63 -19.76 -15.77
CA MET B 32 -14.82 -21.07 -16.40
C MET B 32 -14.08 -22.20 -15.67
N PRO B 33 -14.56 -23.44 -15.82
CA PRO B 33 -13.94 -24.60 -15.17
C PRO B 33 -12.52 -24.85 -15.66
N LEU B 34 -11.68 -25.39 -14.78
CA LEU B 34 -10.29 -25.68 -15.10
C LEU B 34 -10.16 -26.38 -16.45
N GLN B 35 -11.11 -27.28 -16.74
CA GLN B 35 -11.13 -28.03 -18.00
C GLN B 35 -11.08 -27.08 -19.20
N LYS B 36 -11.84 -25.99 -19.11
CA LYS B 36 -11.90 -25.01 -20.20
C LYS B 36 -10.76 -24.02 -20.12
N LEU B 37 -10.32 -23.72 -18.90
CA LEU B 37 -9.22 -22.79 -18.69
C LEU B 37 -8.00 -23.19 -19.50
N ARG B 38 -7.67 -24.48 -19.48
CA ARG B 38 -6.51 -24.99 -20.19
C ARG B 38 -6.61 -24.87 -21.71
N GLU B 39 -7.79 -24.52 -22.21
CA GLU B 39 -8.00 -24.37 -23.65
C GLU B 39 -8.19 -22.90 -24.07
N TYR B 40 -8.45 -22.03 -23.09
CA TYR B 40 -8.69 -20.61 -23.33
C TYR B 40 -7.44 -19.83 -23.76
N THR B 41 -7.55 -19.12 -24.88
CA THR B 41 -6.41 -18.36 -25.40
C THR B 41 -6.55 -16.84 -25.34
N GLY B 42 -7.61 -16.35 -24.70
CA GLY B 42 -7.80 -14.91 -24.59
C GLY B 42 -9.00 -14.32 -25.31
N THR B 43 -9.38 -13.11 -24.93
CA THR B 43 -10.51 -12.42 -25.54
C THR B 43 -10.12 -11.03 -26.04
N ASN B 44 -9.32 -10.32 -25.24
CA ASN B 44 -8.90 -8.97 -25.63
C ASN B 44 -8.25 -8.98 -27.01
N PRO B 45 -8.65 -8.04 -27.89
CA PRO B 45 -8.09 -7.98 -29.24
C PRO B 45 -6.60 -7.65 -29.26
N CYS B 46 -5.98 -7.92 -30.41
CA CYS B 46 -4.56 -7.63 -30.60
C CYS B 46 -4.47 -6.68 -31.80
N PRO B 47 -3.86 -5.50 -31.59
CA PRO B 47 -3.72 -4.52 -32.67
C PRO B 47 -3.08 -5.12 -33.92
N GLU B 48 -3.56 -4.69 -35.09
CA GLU B 48 -3.05 -5.17 -36.36
C GLU B 48 -1.55 -4.89 -36.50
N ASP B 49 -1.12 -3.73 -36.01
CA ASP B 49 0.28 -3.33 -36.09
C ASP B 49 1.03 -3.58 -34.78
N PHE B 50 0.58 -4.57 -34.03
CA PHE B 50 1.20 -4.91 -32.74
C PHE B 50 2.73 -5.00 -32.81
N ASP B 51 3.23 -5.88 -33.67
CA ASP B 51 4.67 -6.08 -33.83
C ASP B 51 5.45 -4.82 -34.18
N GLU B 52 4.98 -4.07 -35.16
CA GLU B 52 5.69 -2.85 -35.55
C GLU B 52 5.66 -1.83 -34.43
N TYR B 53 4.58 -1.83 -33.66
CA TYR B 53 4.45 -0.91 -32.54
C TYR B 53 5.57 -1.19 -31.53
N TRP B 54 5.81 -2.47 -31.28
CA TRP B 54 6.84 -2.86 -30.34
C TRP B 54 8.27 -2.78 -30.89
N ASN B 55 8.45 -3.08 -32.18
CA ASN B 55 9.78 -2.98 -32.75
C ASN B 55 10.14 -1.50 -32.74
N ARG B 56 9.13 -0.65 -32.94
CA ARG B 56 9.33 0.79 -32.94
C ARG B 56 9.69 1.23 -31.52
N ALA B 57 9.04 0.63 -30.53
CA ALA B 57 9.28 0.96 -29.12
C ALA B 57 10.66 0.49 -28.69
N LEU B 58 11.05 -0.70 -29.15
CA LEU B 58 12.36 -1.24 -28.80
C LEU B 58 13.45 -0.37 -29.41
N ASP B 59 13.20 0.15 -30.61
CA ASP B 59 14.16 1.02 -31.28
C ASP B 59 14.39 2.26 -30.42
N GLU B 60 13.31 2.84 -29.90
CA GLU B 60 13.42 4.04 -29.08
C GLU B 60 14.24 3.75 -27.82
N MET B 61 13.93 2.64 -27.16
CA MET B 61 14.64 2.26 -25.94
C MET B 61 16.13 2.05 -26.19
N ARG B 62 16.46 1.36 -27.28
CA ARG B 62 17.84 1.09 -27.63
C ARG B 62 18.64 2.33 -28.00
N SER B 63 17.95 3.42 -28.33
CA SER B 63 18.64 4.66 -28.69
C SER B 63 18.90 5.52 -27.46
N VAL B 64 18.50 5.03 -26.29
CA VAL B 64 18.68 5.78 -25.05
C VAL B 64 20.02 5.55 -24.36
N ASP B 65 20.66 6.62 -23.93
CA ASP B 65 21.92 6.51 -23.20
C ASP B 65 21.50 6.40 -21.74
N PRO B 66 21.64 5.21 -21.15
CA PRO B 66 21.28 4.93 -19.76
C PRO B 66 21.99 5.73 -18.66
N LYS B 67 23.20 6.22 -18.95
CA LYS B 67 23.96 6.98 -17.97
C LYS B 67 23.83 6.35 -16.60
N ILE B 68 24.15 5.06 -16.53
CA ILE B 68 24.06 4.28 -15.31
C ILE B 68 24.87 4.85 -14.15
N GLU B 69 24.25 4.87 -12.98
CA GLU B 69 24.87 5.37 -11.77
C GLU B 69 24.60 4.41 -10.61
N LEU B 70 25.67 4.00 -9.93
CA LEU B 70 25.53 3.10 -8.79
C LEU B 70 25.92 3.83 -7.51
N LYS B 71 25.01 3.82 -6.54
CA LYS B 71 25.27 4.46 -5.25
C LYS B 71 25.18 3.39 -4.17
N GLU B 72 26.15 3.37 -3.27
CA GLU B 72 26.14 2.39 -2.20
C GLU B 72 24.93 2.62 -1.32
N SER B 73 24.25 1.54 -0.97
CA SER B 73 23.07 1.59 -0.14
C SER B 73 23.43 1.79 1.33
N SER B 74 22.47 2.28 2.10
CA SER B 74 22.67 2.49 3.53
C SER B 74 22.56 1.10 4.17
N PHE B 75 22.02 0.16 3.42
CA PHE B 75 21.90 -1.22 3.90
C PHE B 75 23.17 -1.92 3.43
N GLN B 76 23.94 -2.46 4.37
CA GLN B 76 25.18 -3.14 4.03
C GLN B 76 25.38 -4.44 4.79
N VAL B 77 25.87 -5.45 4.09
CA VAL B 77 26.18 -6.74 4.69
C VAL B 77 27.60 -7.06 4.26
N SER B 78 28.26 -7.99 4.95
CA SER B 78 29.65 -8.32 4.64
C SER B 78 29.85 -9.33 3.52
N PHE B 79 28.79 -10.04 3.14
CA PHE B 79 28.90 -11.06 2.11
C PHE B 79 28.39 -10.65 0.74
N ALA B 80 27.89 -9.43 0.62
CA ALA B 80 27.39 -8.95 -0.66
C ALA B 80 27.52 -7.44 -0.77
N GLU B 81 27.39 -6.93 -2.00
CA GLU B 81 27.46 -5.50 -2.25
C GLU B 81 26.06 -5.02 -2.60
N CYS B 82 25.57 -4.06 -1.82
CA CYS B 82 24.23 -3.51 -2.05
C CYS B 82 24.31 -2.11 -2.63
N TYR B 83 23.76 -1.95 -3.83
CA TYR B 83 23.78 -0.65 -4.51
C TYR B 83 22.41 -0.23 -5.01
N ASP B 84 22.18 1.07 -5.02
CA ASP B 84 20.97 1.62 -5.59
C ASP B 84 21.44 1.93 -6.99
N LEU B 85 20.78 1.34 -7.97
CA LEU B 85 21.15 1.54 -9.37
C LEU B 85 20.15 2.45 -10.06
N TYR B 86 20.67 3.39 -10.84
CA TYR B 86 19.82 4.32 -11.57
C TYR B 86 20.22 4.34 -13.02
N PHE B 87 19.22 4.40 -13.90
CA PHE B 87 19.47 4.47 -15.32
C PHE B 87 18.35 5.28 -15.96
N THR B 88 18.62 5.83 -17.12
CA THR B 88 17.63 6.62 -17.82
C THR B 88 16.90 5.77 -18.83
N GLY B 89 15.56 5.77 -18.76
CA GLY B 89 14.76 5.00 -19.70
C GLY B 89 14.21 5.90 -20.78
N VAL B 90 13.23 5.41 -21.54
CA VAL B 90 12.66 6.25 -22.60
C VAL B 90 11.98 7.48 -22.03
N ARG B 91 11.97 8.54 -22.81
CA ARG B 91 11.36 9.81 -22.41
C ARG B 91 12.11 10.53 -21.30
N GLY B 92 13.35 10.12 -21.04
CA GLY B 92 14.17 10.76 -20.03
C GLY B 92 13.89 10.45 -18.57
N ALA B 93 13.07 9.45 -18.29
CA ALA B 93 12.74 9.09 -16.92
C ALA B 93 13.91 8.41 -16.22
N ARG B 94 14.18 8.82 -14.99
CA ARG B 94 15.26 8.24 -14.21
C ARG B 94 14.68 7.03 -13.46
N ILE B 95 15.12 5.83 -13.83
CA ILE B 95 14.63 4.60 -13.21
C ILE B 95 15.55 4.07 -12.12
N HIS B 96 14.96 3.54 -11.06
CA HIS B 96 15.70 3.01 -9.94
C HIS B 96 15.48 1.51 -9.70
N ALA B 97 16.53 0.85 -9.23
CA ALA B 97 16.47 -0.57 -8.92
C ALA B 97 17.47 -0.90 -7.83
N LYS B 98 17.08 -1.83 -6.96
CA LYS B 98 17.97 -2.29 -5.91
C LYS B 98 18.89 -3.23 -6.68
N TYR B 99 20.15 -3.28 -6.29
CA TYR B 99 21.11 -4.14 -6.97
C TYR B 99 22.04 -4.77 -5.95
N ILE B 100 21.94 -6.09 -5.80
CA ILE B 100 22.77 -6.83 -4.87
C ILE B 100 23.68 -7.80 -5.62
N LYS B 101 24.97 -7.66 -5.35
CA LYS B 101 26.00 -8.48 -5.99
C LYS B 101 26.75 -9.28 -4.93
N PRO B 102 26.82 -10.61 -5.09
CA PRO B 102 27.53 -11.42 -4.10
C PRO B 102 29.04 -11.22 -4.25
N LYS B 103 29.78 -11.36 -3.16
CA LYS B 103 31.22 -11.20 -3.21
C LYS B 103 31.88 -12.51 -3.60
N THR B 104 31.59 -12.98 -4.81
CA THR B 104 32.17 -14.22 -5.30
C THR B 104 32.94 -13.94 -6.58
N GLU B 105 33.76 -14.89 -7.00
CA GLU B 105 34.56 -14.72 -8.21
C GLU B 105 33.86 -15.34 -9.42
N GLY B 106 34.13 -14.80 -10.59
CA GLY B 106 33.55 -15.31 -11.81
C GLY B 106 32.13 -14.84 -12.10
N LYS B 107 31.64 -15.18 -13.29
CA LYS B 107 30.30 -14.79 -13.71
C LYS B 107 29.31 -15.83 -13.18
N HIS B 108 28.07 -15.40 -12.95
CA HIS B 108 27.05 -16.28 -12.41
C HIS B 108 25.68 -15.79 -12.84
N PRO B 109 24.62 -16.50 -12.45
CA PRO B 109 23.25 -16.11 -12.81
C PRO B 109 22.81 -14.82 -12.13
N ALA B 110 21.72 -14.25 -12.64
CA ALA B 110 21.15 -13.03 -12.09
C ALA B 110 19.62 -13.16 -12.09
N LEU B 111 18.99 -12.53 -11.11
CA LEU B 111 17.54 -12.55 -11.00
C LEU B 111 17.00 -11.12 -10.95
N ILE B 112 16.03 -10.82 -11.80
CA ILE B 112 15.42 -9.50 -11.80
C ILE B 112 13.99 -9.62 -11.31
N ARG B 113 13.70 -9.00 -10.16
CA ARG B 113 12.37 -9.03 -9.57
C ARG B 113 11.54 -7.78 -9.90
N PHE B 114 10.26 -7.98 -10.18
CA PHE B 114 9.32 -6.91 -10.48
C PHE B 114 8.23 -6.97 -9.41
N HIS B 115 7.79 -5.81 -8.93
CA HIS B 115 6.80 -5.74 -7.85
C HIS B 115 5.32 -5.55 -8.21
N GLY B 116 4.49 -5.68 -7.18
CA GLY B 116 3.06 -5.54 -7.34
C GLY B 116 2.58 -4.12 -7.59
N TYR B 117 1.36 -4.01 -8.08
CA TYR B 117 0.75 -2.72 -8.41
C TYR B 117 0.71 -1.79 -7.20
N SER B 118 1.30 -0.61 -7.37
CA SER B 118 1.38 0.44 -6.34
C SER B 118 2.48 0.21 -5.29
N SER B 119 3.13 -0.95 -5.34
CA SER B 119 4.17 -1.26 -4.38
C SER B 119 5.54 -0.77 -4.86
N ASN B 120 6.62 -1.39 -4.37
CA ASN B 120 7.97 -1.04 -4.77
C ASN B 120 8.88 -2.26 -4.59
N SER B 121 10.19 -2.08 -4.81
CA SER B 121 11.14 -3.19 -4.69
C SER B 121 11.20 -3.80 -3.28
N GLY B 122 10.64 -3.11 -2.29
CA GLY B 122 10.62 -3.64 -0.94
C GLY B 122 11.90 -3.51 -0.14
N ASP B 123 12.12 -4.45 0.78
CA ASP B 123 13.29 -4.47 1.64
C ASP B 123 14.48 -5.16 0.98
N TRP B 124 15.67 -4.90 1.49
CA TRP B 124 16.88 -5.50 0.95
C TRP B 124 17.07 -6.94 1.41
N ASN B 125 16.85 -7.17 2.70
CA ASN B 125 17.08 -8.47 3.32
C ASN B 125 16.42 -9.71 2.71
N ASP B 126 15.15 -9.61 2.32
CA ASP B 126 14.48 -10.77 1.75
C ASP B 126 14.92 -11.10 0.32
N LYS B 127 15.81 -10.28 -0.24
CA LYS B 127 16.33 -10.51 -1.59
C LYS B 127 17.58 -11.39 -1.49
N LEU B 128 18.12 -11.50 -0.28
CA LEU B 128 19.33 -12.26 -0.02
C LEU B 128 19.21 -13.78 -0.12
N ASN B 129 18.00 -14.31 -0.22
CA ASN B 129 17.86 -15.75 -0.34
C ASN B 129 18.49 -16.21 -1.67
N TYR B 130 18.31 -15.41 -2.73
CA TYR B 130 18.90 -15.77 -4.01
C TYR B 130 20.37 -15.38 -4.04
N VAL B 131 20.75 -14.43 -3.20
CA VAL B 131 22.16 -14.01 -3.14
C VAL B 131 22.94 -15.18 -2.53
N ALA B 132 22.32 -15.85 -1.57
CA ALA B 132 22.94 -16.99 -0.91
C ALA B 132 23.18 -18.10 -1.93
N ALA B 133 22.39 -18.09 -3.01
CA ALA B 133 22.51 -19.09 -4.06
C ALA B 133 23.50 -18.67 -5.13
N GLY B 134 24.22 -17.57 -4.88
CA GLY B 134 25.22 -17.11 -5.84
C GLY B 134 24.71 -16.17 -6.92
N PHE B 135 23.45 -15.78 -6.84
CA PHE B 135 22.85 -14.87 -7.82
C PHE B 135 23.06 -13.40 -7.50
N THR B 136 23.05 -12.59 -8.54
CA THR B 136 23.09 -11.15 -8.40
C THR B 136 21.57 -10.93 -8.39
N VAL B 137 21.07 -10.09 -7.50
CA VAL B 137 19.63 -9.85 -7.47
C VAL B 137 19.32 -8.38 -7.72
N VAL B 138 18.44 -8.13 -8.67
CA VAL B 138 18.02 -6.78 -9.04
C VAL B 138 16.50 -6.66 -8.88
N ALA B 139 16.05 -5.59 -8.23
CA ALA B 139 14.61 -5.37 -8.03
C ALA B 139 14.27 -3.95 -8.48
N MET B 140 13.58 -3.85 -9.62
CA MET B 140 13.21 -2.57 -10.20
C MET B 140 11.96 -1.92 -9.63
N ASP B 141 11.99 -0.59 -9.50
CA ASP B 141 10.82 0.16 -9.03
C ASP B 141 10.10 0.64 -10.30
N VAL B 142 8.79 0.48 -10.35
CA VAL B 142 8.03 0.92 -11.52
C VAL B 142 7.82 2.43 -11.46
N ARG B 143 7.89 3.07 -12.63
CA ARG B 143 7.68 4.52 -12.73
C ARG B 143 6.46 5.01 -11.96
N GLY B 144 6.64 6.10 -11.23
CA GLY B 144 5.55 6.71 -10.47
C GLY B 144 4.71 5.88 -9.52
N GLN B 145 5.21 4.75 -9.05
CA GLN B 145 4.43 3.96 -8.12
C GLN B 145 4.94 4.09 -6.69
N GLY B 146 5.25 2.98 -6.02
CA GLY B 146 5.69 3.10 -4.64
C GLY B 146 7.17 3.28 -4.37
N GLY B 147 7.99 3.30 -5.42
CA GLY B 147 9.42 3.43 -5.22
C GLY B 147 10.05 4.75 -5.63
N GLN B 148 11.28 4.65 -6.15
CA GLN B 148 12.03 5.82 -6.56
C GLN B 148 12.20 5.99 -8.06
N SER B 149 11.34 5.38 -8.86
CA SER B 149 11.42 5.54 -10.30
C SER B 149 10.51 6.68 -10.74
N GLN B 150 11.01 7.48 -11.66
CA GLN B 150 10.29 8.64 -12.16
C GLN B 150 9.33 8.42 -13.34
N ASP B 151 8.17 9.05 -13.26
CA ASP B 151 7.17 9.00 -14.32
C ASP B 151 7.14 10.44 -14.82
N VAL B 152 7.73 10.68 -15.99
CA VAL B 152 7.79 12.03 -16.54
C VAL B 152 6.45 12.60 -16.98
N GLY B 153 5.44 11.75 -17.07
CA GLY B 153 4.12 12.21 -17.47
C GLY B 153 4.12 12.83 -18.86
N GLY B 154 3.38 13.93 -19.02
CA GLY B 154 3.30 14.58 -20.32
C GLY B 154 2.25 13.92 -21.19
N VAL B 155 1.18 13.42 -20.59
CA VAL B 155 0.12 12.78 -21.34
C VAL B 155 -1.20 13.52 -21.17
N THR B 156 -2.09 13.39 -22.14
CA THR B 156 -3.39 14.02 -22.05
C THR B 156 -4.30 12.96 -21.43
N GLY B 157 -5.43 13.38 -20.90
CA GLY B 157 -6.35 12.43 -20.29
C GLY B 157 -6.16 12.30 -18.79
N ASN B 158 -6.90 11.38 -18.19
CA ASN B 158 -6.86 11.14 -16.76
C ASN B 158 -5.46 10.85 -16.22
N THR B 159 -5.17 11.36 -15.03
CA THR B 159 -3.89 11.12 -14.38
C THR B 159 -4.15 10.90 -12.89
N LEU B 160 -5.43 10.82 -12.52
CA LEU B 160 -5.80 10.64 -11.12
C LEU B 160 -5.65 9.22 -10.57
N ASN B 161 -6.10 8.23 -11.32
CA ASN B 161 -5.99 6.85 -10.87
C ASN B 161 -5.71 5.84 -11.97
N GLY B 162 -4.67 5.04 -11.79
CA GLY B 162 -4.37 4.00 -12.75
C GLY B 162 -3.32 4.26 -13.80
N HIS B 163 -2.42 3.29 -13.96
CA HIS B 163 -1.36 3.39 -14.95
C HIS B 163 -1.77 2.62 -16.21
N ILE B 164 -2.74 1.72 -16.07
CA ILE B 164 -3.21 0.95 -17.22
C ILE B 164 -3.83 1.89 -18.25
N ILE B 165 -4.64 2.83 -17.77
CA ILE B 165 -5.28 3.78 -18.68
C ILE B 165 -4.49 5.07 -18.84
N ARG B 166 -3.33 5.15 -18.18
CA ARG B 166 -2.49 6.35 -18.26
C ARG B 166 -1.95 6.50 -19.68
N GLY B 167 -2.46 7.52 -20.38
CA GLY B 167 -2.02 7.76 -21.74
C GLY B 167 -2.93 7.08 -22.75
N LEU B 168 -4.00 6.46 -22.27
CA LEU B 168 -4.94 5.76 -23.15
C LEU B 168 -5.60 6.72 -24.16
N ASP B 169 -5.82 7.97 -23.75
CA ASP B 169 -6.44 8.96 -24.64
C ASP B 169 -5.40 9.80 -25.39
N ASP B 170 -4.14 9.36 -25.35
CA ASP B 170 -3.06 10.03 -26.03
C ASP B 170 -2.63 9.11 -27.17
N ASP B 171 -1.53 9.41 -27.85
CA ASP B 171 -1.06 8.53 -28.91
C ASP B 171 -0.69 7.20 -28.27
N ALA B 172 -0.87 6.10 -28.99
CA ALA B 172 -0.55 4.78 -28.47
C ALA B 172 0.90 4.67 -28.00
N ASP B 173 1.77 5.47 -28.61
CA ASP B 173 3.18 5.47 -28.27
C ASP B 173 3.48 6.22 -26.97
N ASN B 174 2.46 6.81 -26.36
CA ASN B 174 2.66 7.54 -25.10
C ASN B 174 2.02 6.85 -23.90
N MET B 175 1.55 5.62 -24.10
CA MET B 175 0.93 4.87 -23.01
C MET B 175 2.01 4.52 -21.99
N LEU B 176 1.74 4.84 -20.73
CA LEU B 176 2.70 4.60 -19.66
C LEU B 176 3.25 3.18 -19.53
N PHE B 177 2.39 2.17 -19.54
CA PHE B 177 2.89 0.81 -19.41
C PHE B 177 3.77 0.41 -20.58
N ARG B 178 3.71 1.15 -21.68
CA ARG B 178 4.56 0.86 -22.82
C ARG B 178 5.99 1.20 -22.39
N HIS B 179 6.15 2.33 -21.73
CA HIS B 179 7.46 2.78 -21.26
C HIS B 179 7.97 1.89 -20.14
N ILE B 180 7.06 1.50 -19.24
CA ILE B 180 7.44 0.64 -18.12
C ILE B 180 7.92 -0.70 -18.67
N PHE B 181 7.20 -1.23 -19.66
CA PHE B 181 7.60 -2.50 -20.27
C PHE B 181 9.01 -2.35 -20.84
N LEU B 182 9.26 -1.21 -21.49
CA LEU B 182 10.58 -0.97 -22.07
C LEU B 182 11.63 -0.85 -20.97
N ASP B 183 11.26 -0.31 -19.82
CA ASP B 183 12.21 -0.20 -18.71
C ASP B 183 12.68 -1.60 -18.29
N THR B 184 11.74 -2.55 -18.25
CA THR B 184 12.10 -3.91 -17.85
C THR B 184 13.07 -4.53 -18.85
N ALA B 185 12.82 -4.29 -20.13
CA ALA B 185 13.68 -4.84 -21.19
C ALA B 185 15.05 -4.18 -21.16
N GLN B 186 15.06 -2.86 -20.97
CA GLN B 186 16.31 -2.12 -20.91
C GLN B 186 17.12 -2.54 -19.69
N LEU B 187 16.45 -2.75 -18.56
CA LEU B 187 17.14 -3.17 -17.34
C LEU B 187 17.73 -4.57 -17.52
N ALA B 188 17.02 -5.43 -18.23
CA ALA B 188 17.49 -6.79 -18.48
C ALA B 188 18.80 -6.71 -19.27
N GLY B 189 18.82 -5.83 -20.27
CA GLY B 189 20.01 -5.65 -21.08
C GLY B 189 21.16 -5.10 -20.26
N ILE B 190 20.85 -4.17 -19.36
CA ILE B 190 21.86 -3.57 -18.49
C ILE B 190 22.45 -4.64 -17.58
N VAL B 191 21.59 -5.49 -17.04
CA VAL B 191 22.02 -6.57 -16.16
C VAL B 191 22.92 -7.56 -16.90
N MET B 192 22.53 -7.90 -18.13
CA MET B 192 23.29 -8.83 -18.95
C MET B 192 24.67 -8.29 -19.33
N ASN B 193 24.90 -7.00 -19.10
CA ASN B 193 26.19 -6.39 -19.39
C ASN B 193 27.03 -6.20 -18.14
N MET B 194 26.49 -6.58 -16.99
CA MET B 194 27.23 -6.46 -15.74
C MET B 194 28.37 -7.47 -15.81
N PRO B 195 29.57 -7.08 -15.36
CA PRO B 195 30.74 -7.95 -15.39
C PRO B 195 30.59 -9.30 -14.68
N GLU B 196 29.86 -9.33 -13.57
CA GLU B 196 29.68 -10.57 -12.83
C GLU B 196 28.50 -11.42 -13.34
N VAL B 197 27.79 -10.92 -14.35
CA VAL B 197 26.63 -11.64 -14.85
C VAL B 197 26.82 -12.39 -16.16
N ASP B 198 26.37 -13.64 -16.17
CA ASP B 198 26.42 -14.47 -17.37
C ASP B 198 25.15 -14.07 -18.10
N GLU B 199 25.29 -13.34 -19.21
CA GLU B 199 24.12 -12.88 -19.95
C GLU B 199 23.14 -13.97 -20.38
N ASP B 200 23.59 -15.22 -20.44
CA ASP B 200 22.70 -16.32 -20.83
C ASP B 200 22.02 -16.99 -19.64
N ARG B 201 22.24 -16.45 -18.44
CA ARG B 201 21.62 -17.03 -17.26
C ARG B 201 20.92 -15.98 -16.39
N VAL B 202 20.02 -15.23 -17.03
CA VAL B 202 19.26 -14.21 -16.34
C VAL B 202 17.79 -14.63 -16.26
N GLY B 203 17.25 -14.58 -15.05
CA GLY B 203 15.86 -14.94 -14.84
C GLY B 203 15.09 -13.74 -14.34
N VAL B 204 13.78 -13.75 -14.55
CA VAL B 204 12.92 -12.66 -14.08
C VAL B 204 11.77 -13.27 -13.29
N MET B 205 11.23 -12.50 -12.35
CA MET B 205 10.16 -13.01 -11.51
C MET B 205 9.39 -11.92 -10.77
N GLY B 206 8.12 -12.21 -10.48
CA GLY B 206 7.29 -11.26 -9.77
C GLY B 206 5.86 -11.73 -9.63
N PRO B 207 5.10 -11.13 -8.70
CA PRO B 207 3.69 -11.50 -8.48
C PRO B 207 2.75 -10.40 -9.01
N SER B 208 1.59 -10.81 -9.50
CA SER B 208 0.59 -9.86 -10.00
C SER B 208 1.18 -8.94 -11.07
N GLN B 209 1.30 -7.64 -10.79
CA GLN B 209 1.87 -6.73 -11.78
C GLN B 209 3.29 -7.21 -12.10
N GLY B 210 3.98 -7.68 -11.07
CA GLY B 210 5.33 -8.19 -11.25
C GLY B 210 5.34 -9.40 -12.16
N GLY B 211 4.24 -10.16 -12.13
CA GLY B 211 4.13 -11.34 -12.98
C GLY B 211 3.90 -10.94 -14.42
N GLY B 212 3.11 -9.89 -14.63
CA GLY B 212 2.87 -9.41 -15.97
C GLY B 212 4.15 -8.79 -16.52
N LEU B 213 4.86 -8.06 -15.67
CA LEU B 213 6.10 -7.42 -16.07
C LEU B 213 7.18 -8.45 -16.38
N SER B 214 7.16 -9.59 -15.68
CA SER B 214 8.14 -10.64 -15.93
C SER B 214 7.94 -11.17 -17.36
N LEU B 215 6.69 -11.39 -17.72
CA LEU B 215 6.37 -11.88 -19.07
C LEU B 215 6.75 -10.83 -20.11
N ALA B 216 6.38 -9.58 -19.86
CA ALA B 216 6.69 -8.50 -20.79
C ALA B 216 8.20 -8.39 -21.00
N CYS B 217 8.94 -8.45 -19.91
CA CYS B 217 10.40 -8.36 -19.94
C CYS B 217 11.04 -9.49 -20.78
N ALA B 218 10.65 -10.72 -20.49
CA ALA B 218 11.18 -11.88 -21.20
C ALA B 218 10.74 -11.88 -22.66
N ALA B 219 9.65 -11.19 -22.95
CA ALA B 219 9.12 -11.10 -24.30
C ALA B 219 9.88 -10.05 -25.11
N LEU B 220 10.19 -8.92 -24.47
CA LEU B 220 10.88 -7.82 -25.12
C LEU B 220 12.40 -7.98 -25.14
N GLU B 221 12.91 -8.86 -24.28
CA GLU B 221 14.34 -9.15 -24.22
C GLU B 221 14.44 -10.67 -24.23
N PRO B 222 14.29 -11.27 -25.42
CA PRO B 222 14.33 -12.72 -25.69
C PRO B 222 15.49 -13.44 -25.03
N ARG B 223 16.57 -12.74 -24.74
CA ARG B 223 17.71 -13.37 -24.08
C ARG B 223 17.42 -13.89 -22.68
N VAL B 224 16.38 -13.35 -22.04
CA VAL B 224 16.01 -13.80 -20.69
C VAL B 224 15.80 -15.31 -20.76
N ARG B 225 16.50 -16.02 -19.89
CA ARG B 225 16.49 -17.49 -19.85
C ARG B 225 15.41 -18.17 -19.01
N LYS B 226 15.05 -17.59 -17.88
CA LYS B 226 14.04 -18.18 -16.99
C LYS B 226 12.99 -17.14 -16.59
N VAL B 227 11.74 -17.57 -16.49
CA VAL B 227 10.64 -16.69 -16.14
C VAL B 227 9.70 -17.31 -15.12
N VAL B 228 9.42 -16.56 -14.05
CA VAL B 228 8.48 -17.00 -13.02
C VAL B 228 7.43 -15.90 -12.94
N SER B 229 6.20 -16.24 -13.30
CA SER B 229 5.10 -15.29 -13.28
C SER B 229 3.99 -15.80 -12.38
N GLU B 230 3.83 -15.16 -11.23
CA GLU B 230 2.82 -15.55 -10.26
C GLU B 230 1.54 -14.73 -10.43
N TYR B 231 0.43 -15.41 -10.70
CA TYR B 231 -0.87 -14.77 -10.91
C TYR B 231 -0.71 -13.39 -11.56
N PRO B 232 -0.20 -13.38 -12.80
CA PRO B 232 0.04 -12.15 -13.56
C PRO B 232 -1.16 -11.24 -13.79
N PHE B 233 -0.86 -9.95 -13.69
CA PHE B 233 -1.81 -8.86 -13.88
C PHE B 233 -1.48 -8.33 -15.29
N LEU B 234 -2.30 -7.42 -15.80
CA LEU B 234 -2.09 -6.84 -17.13
C LEU B 234 -2.31 -7.80 -18.29
N SER B 235 -3.26 -8.73 -18.12
CA SER B 235 -3.54 -9.69 -19.17
C SER B 235 -5.01 -9.86 -19.51
N ASP B 236 -5.30 -9.89 -20.81
CA ASP B 236 -6.66 -10.14 -21.28
C ASP B 236 -7.70 -9.19 -20.67
N TYR B 237 -7.44 -7.89 -20.77
CA TYR B 237 -8.32 -6.86 -20.21
C TYR B 237 -9.82 -7.04 -20.50
N LYS B 238 -10.17 -7.24 -21.77
CA LYS B 238 -11.57 -7.42 -22.15
C LYS B 238 -12.24 -8.55 -21.36
N ARG B 239 -11.52 -9.65 -21.19
CA ARG B 239 -12.04 -10.79 -20.44
C ARG B 239 -12.39 -10.39 -19.01
N VAL B 240 -11.53 -9.59 -18.39
CA VAL B 240 -11.79 -9.14 -17.02
C VAL B 240 -13.11 -8.37 -16.98
N TRP B 241 -13.31 -7.51 -17.97
CA TRP B 241 -14.54 -6.71 -18.05
C TRP B 241 -15.77 -7.60 -18.30
N ASP B 242 -15.64 -8.57 -19.20
CA ASP B 242 -16.75 -9.48 -19.51
C ASP B 242 -17.25 -10.23 -18.28
N LEU B 243 -16.35 -10.50 -17.33
CA LEU B 243 -16.71 -11.23 -16.12
C LEU B 243 -17.20 -10.32 -15.01
N ASP B 244 -17.33 -9.03 -15.30
CA ASP B 244 -17.76 -8.05 -14.31
C ASP B 244 -16.75 -8.00 -13.17
N LEU B 245 -15.48 -8.19 -13.51
CA LEU B 245 -14.41 -8.17 -12.52
C LEU B 245 -13.51 -6.95 -12.73
N ALA B 246 -13.97 -6.02 -13.57
CA ALA B 246 -13.21 -4.80 -13.84
C ALA B 246 -13.35 -3.91 -12.62
N LYS B 247 -12.80 -4.40 -11.51
CA LYS B 247 -12.82 -3.70 -10.23
C LYS B 247 -11.57 -4.11 -9.47
N ASN B 248 -11.44 -3.65 -8.23
CA ASN B 248 -10.26 -3.97 -7.44
C ASN B 248 -9.06 -3.42 -8.22
N ALA B 249 -8.10 -4.29 -8.57
CA ALA B 249 -6.92 -3.82 -9.31
C ALA B 249 -7.27 -3.33 -10.73
N TYR B 250 -8.35 -3.87 -11.29
CA TYR B 250 -8.78 -3.48 -12.65
C TYR B 250 -9.88 -2.43 -12.66
N GLN B 251 -10.18 -1.86 -11.50
CA GLN B 251 -11.23 -0.84 -11.38
C GLN B 251 -11.12 0.30 -12.38
N GLU B 252 -9.90 0.75 -12.66
CA GLU B 252 -9.70 1.86 -13.57
C GLU B 252 -10.29 1.67 -14.97
N ILE B 253 -10.40 0.44 -15.44
CA ILE B 253 -10.98 0.21 -16.75
C ILE B 253 -12.46 0.59 -16.71
N THR B 254 -13.11 0.27 -15.60
CA THR B 254 -14.51 0.61 -15.41
C THR B 254 -14.67 2.13 -15.27
N ASP B 255 -13.78 2.75 -14.52
CA ASP B 255 -13.86 4.20 -14.35
C ASP B 255 -13.66 4.91 -15.68
N TYR B 256 -12.78 4.36 -16.52
CA TYR B 256 -12.54 4.96 -17.82
C TYR B 256 -13.83 5.01 -18.64
N PHE B 257 -14.49 3.87 -18.78
CA PHE B 257 -15.73 3.81 -19.53
C PHE B 257 -16.83 4.67 -18.91
N ARG B 258 -16.96 4.59 -17.59
CA ARG B 258 -17.98 5.38 -16.90
C ARG B 258 -17.81 6.88 -17.15
N LEU B 259 -16.58 7.34 -17.21
CA LEU B 259 -16.31 8.76 -17.43
C LEU B 259 -16.11 9.22 -18.87
N PHE B 260 -15.50 8.38 -19.69
CA PHE B 260 -15.21 8.76 -21.07
C PHE B 260 -15.97 8.05 -22.20
N ASP B 261 -16.71 7.01 -21.86
CA ASP B 261 -17.47 6.28 -22.87
C ASP B 261 -18.56 5.44 -22.17
N PRO B 262 -19.46 6.11 -21.43
CA PRO B 262 -20.57 5.48 -20.70
C PRO B 262 -21.45 4.51 -21.47
N ARG B 263 -21.63 4.72 -22.77
CA ARG B 263 -22.46 3.82 -23.54
C ARG B 263 -21.64 2.90 -24.44
N HIS B 264 -20.34 2.82 -24.15
CA HIS B 264 -19.42 1.97 -24.89
C HIS B 264 -19.50 2.11 -26.40
N GLU B 265 -19.53 3.34 -26.89
CA GLU B 265 -19.58 3.58 -28.31
C GLU B 265 -18.22 3.33 -28.96
N ARG B 266 -17.16 3.37 -28.15
CA ARG B 266 -15.80 3.16 -28.63
C ARG B 266 -15.16 1.92 -27.98
N GLU B 267 -16.00 1.00 -27.50
CA GLU B 267 -15.52 -0.20 -26.84
C GLU B 267 -14.41 -0.98 -27.54
N ASN B 268 -14.63 -1.36 -28.80
CA ASN B 268 -13.63 -2.13 -29.52
C ASN B 268 -12.32 -1.36 -29.68
N GLU B 269 -12.41 -0.06 -29.93
CA GLU B 269 -11.23 0.76 -30.09
C GLU B 269 -10.44 0.83 -28.78
N VAL B 270 -11.16 0.95 -27.67
CA VAL B 270 -10.52 1.03 -26.36
C VAL B 270 -9.76 -0.24 -26.01
N PHE B 271 -10.44 -1.38 -26.09
CA PHE B 271 -9.79 -2.64 -25.76
C PHE B 271 -8.70 -3.01 -26.75
N THR B 272 -8.87 -2.63 -28.01
CA THR B 272 -7.86 -2.93 -29.02
C THR B 272 -6.58 -2.17 -28.67
N LYS B 273 -6.73 -0.91 -28.27
CA LYS B 273 -5.58 -0.10 -27.91
C LYS B 273 -4.91 -0.67 -26.65
N LEU B 274 -5.72 -1.13 -25.70
CA LEU B 274 -5.17 -1.73 -24.48
C LEU B 274 -4.47 -3.02 -24.87
N GLY B 275 -4.77 -3.52 -26.07
CA GLY B 275 -4.15 -4.73 -26.57
C GLY B 275 -2.65 -4.57 -26.72
N TYR B 276 -2.19 -3.33 -26.94
CA TYR B 276 -0.76 -3.07 -27.08
C TYR B 276 0.01 -3.43 -25.80
N ILE B 277 -0.65 -3.27 -24.66
CA ILE B 277 0.00 -3.59 -23.38
C ILE B 277 -0.60 -4.79 -22.67
N ASP B 278 -1.16 -5.70 -23.47
CA ASP B 278 -1.75 -6.93 -22.96
C ASP B 278 -0.63 -7.96 -23.04
N VAL B 279 -0.10 -8.39 -21.90
CA VAL B 279 1.02 -9.34 -21.93
C VAL B 279 0.70 -10.66 -22.60
N LYS B 280 -0.59 -10.99 -22.76
CA LYS B 280 -0.93 -12.24 -23.43
C LYS B 280 -0.52 -12.13 -24.89
N ASN B 281 -0.51 -10.92 -25.43
CA ASN B 281 -0.13 -10.67 -26.82
C ASN B 281 1.39 -10.67 -27.02
N LEU B 282 2.13 -10.39 -25.94
CA LEU B 282 3.59 -10.38 -26.00
C LEU B 282 4.16 -11.77 -25.75
N ALA B 283 3.41 -12.58 -24.99
CA ALA B 283 3.81 -13.93 -24.61
C ALA B 283 4.43 -14.79 -25.71
N LYS B 284 3.89 -14.72 -26.92
CA LYS B 284 4.39 -15.50 -28.06
C LYS B 284 5.88 -15.29 -28.32
N ARG B 285 6.40 -14.14 -27.88
CA ARG B 285 7.80 -13.80 -28.10
C ARG B 285 8.77 -14.41 -27.09
N ILE B 286 8.27 -14.81 -25.93
CA ILE B 286 9.12 -15.37 -24.87
C ILE B 286 9.89 -16.62 -25.31
N LYS B 287 11.19 -16.63 -25.04
CA LYS B 287 12.02 -17.78 -25.39
C LYS B 287 12.50 -18.56 -24.17
N GLY B 288 12.65 -17.86 -23.04
CA GLY B 288 13.09 -18.53 -21.82
C GLY B 288 12.04 -19.47 -21.25
N ASP B 289 12.46 -20.37 -20.35
CA ASP B 289 11.53 -21.31 -19.73
C ASP B 289 10.60 -20.53 -18.80
N VAL B 290 9.33 -20.92 -18.75
CA VAL B 290 8.38 -20.22 -17.90
C VAL B 290 7.71 -21.10 -16.86
N LEU B 291 7.59 -20.59 -15.65
CA LEU B 291 6.91 -21.30 -14.57
C LEU B 291 5.89 -20.31 -14.02
N MET B 292 4.63 -20.71 -14.02
CA MET B 292 3.56 -19.85 -13.53
C MET B 292 2.71 -20.54 -12.46
N CYS B 293 1.97 -19.73 -11.72
CA CYS B 293 1.05 -20.26 -10.70
C CYS B 293 -0.22 -19.43 -10.80
N VAL B 294 -1.34 -20.05 -10.44
CA VAL B 294 -2.63 -19.38 -10.51
C VAL B 294 -3.55 -19.90 -9.40
N GLY B 295 -4.28 -18.98 -8.78
CA GLY B 295 -5.20 -19.35 -7.72
C GLY B 295 -6.60 -19.34 -8.31
N LEU B 296 -7.34 -20.42 -8.14
CA LEU B 296 -8.67 -20.50 -8.71
C LEU B 296 -9.73 -19.66 -7.99
N MET B 297 -9.36 -19.07 -6.87
CA MET B 297 -10.28 -18.21 -6.12
C MET B 297 -9.90 -16.74 -6.32
N ASP B 298 -8.90 -16.51 -7.16
CA ASP B 298 -8.41 -15.16 -7.43
C ASP B 298 -9.34 -14.38 -8.36
N GLN B 299 -10.05 -13.40 -7.79
CA GLN B 299 -10.97 -12.57 -8.56
C GLN B 299 -10.29 -11.28 -9.00
N VAL B 300 -9.10 -11.01 -8.45
CA VAL B 300 -8.35 -9.81 -8.80
C VAL B 300 -7.77 -10.03 -10.20
N CYS B 301 -7.14 -11.19 -10.38
CA CYS B 301 -6.59 -11.57 -11.68
C CYS B 301 -7.30 -12.89 -12.02
N PRO B 302 -8.46 -12.80 -12.69
CA PRO B 302 -9.24 -13.98 -13.06
C PRO B 302 -8.37 -15.07 -13.67
N PRO B 303 -8.61 -16.33 -13.28
CA PRO B 303 -7.85 -17.49 -13.78
C PRO B 303 -7.78 -17.54 -15.30
N SER B 304 -8.90 -17.22 -15.95
CA SER B 304 -8.94 -17.23 -17.40
C SER B 304 -7.90 -16.29 -17.99
N THR B 305 -7.77 -15.09 -17.43
CA THR B 305 -6.79 -14.14 -17.95
C THR B 305 -5.37 -14.67 -17.76
N VAL B 306 -5.16 -15.40 -16.67
CA VAL B 306 -3.84 -15.96 -16.40
C VAL B 306 -3.57 -17.07 -17.42
N PHE B 307 -4.55 -17.95 -17.61
CA PHE B 307 -4.38 -19.03 -18.57
C PHE B 307 -4.24 -18.52 -19.99
N ALA B 308 -4.86 -17.38 -20.29
CA ALA B 308 -4.76 -16.79 -21.62
C ALA B 308 -3.29 -16.47 -21.91
N ALA B 309 -2.63 -15.87 -20.94
CA ALA B 309 -1.21 -15.52 -21.10
C ALA B 309 -0.39 -16.81 -21.20
N TYR B 310 -0.68 -17.76 -20.30
CA TYR B 310 0.03 -19.03 -20.28
C TYR B 310 -0.09 -19.78 -21.61
N ASN B 311 -1.30 -19.85 -22.14
CA ASN B 311 -1.52 -20.58 -23.38
C ASN B 311 -0.92 -19.96 -24.63
N ASN B 312 -0.49 -18.70 -24.55
CA ASN B 312 0.12 -18.05 -25.70
C ASN B 312 1.65 -18.21 -25.72
N ILE B 313 2.19 -18.78 -24.65
CA ILE B 313 3.63 -19.01 -24.56
C ILE B 313 3.97 -20.23 -25.41
N GLN B 314 5.06 -20.13 -26.19
CA GLN B 314 5.48 -21.22 -27.06
C GLN B 314 6.77 -21.88 -26.56
N SER B 315 7.43 -21.25 -25.61
CA SER B 315 8.66 -21.78 -25.05
C SER B 315 8.30 -22.85 -24.04
N LYS B 316 9.30 -23.48 -23.44
CA LYS B 316 9.04 -24.51 -22.44
C LYS B 316 8.37 -23.81 -21.26
N LYS B 317 7.27 -24.39 -20.79
CA LYS B 317 6.51 -23.79 -19.71
C LYS B 317 5.80 -24.79 -18.83
N ASP B 318 5.30 -24.29 -17.70
CA ASP B 318 4.57 -25.12 -16.75
C ASP B 318 3.78 -24.19 -15.83
N ILE B 319 2.62 -24.65 -15.35
CA ILE B 319 1.80 -23.85 -14.46
C ILE B 319 1.29 -24.68 -13.27
N LYS B 320 1.39 -24.11 -12.07
CA LYS B 320 0.93 -24.79 -10.86
C LYS B 320 -0.42 -24.19 -10.49
N VAL B 321 -1.40 -25.06 -10.27
CA VAL B 321 -2.75 -24.63 -9.94
C VAL B 321 -3.09 -24.80 -8.46
N TYR B 322 -3.55 -23.73 -7.85
CA TYR B 322 -3.91 -23.71 -6.44
C TYR B 322 -5.41 -23.39 -6.33
N PRO B 323 -6.25 -24.44 -6.31
CA PRO B 323 -7.71 -24.32 -6.23
C PRO B 323 -8.29 -23.42 -5.14
N ASP B 324 -7.71 -23.45 -3.95
CA ASP B 324 -8.24 -22.66 -2.85
C ASP B 324 -7.53 -21.35 -2.55
N TYR B 325 -6.70 -20.89 -3.48
CA TYR B 325 -6.01 -19.63 -3.26
C TYR B 325 -6.53 -18.51 -4.14
N GLY B 326 -6.45 -17.30 -3.61
CA GLY B 326 -6.88 -16.13 -4.36
C GLY B 326 -5.66 -15.38 -4.85
N HIS B 327 -5.74 -14.05 -4.80
CA HIS B 327 -4.65 -13.17 -5.23
C HIS B 327 -3.70 -13.11 -4.03
N GLU B 328 -2.82 -14.09 -3.90
CA GLU B 328 -1.93 -14.14 -2.75
C GLU B 328 -0.81 -15.15 -2.96
N PRO B 329 0.24 -15.07 -2.13
CA PRO B 329 1.38 -16.00 -2.24
C PRO B 329 0.81 -17.41 -2.00
N MET B 330 1.25 -18.38 -2.79
CA MET B 330 0.77 -19.75 -2.65
C MET B 330 1.79 -20.66 -2.01
N ARG B 331 1.40 -21.27 -0.88
CA ARG B 331 2.29 -22.15 -0.13
C ARG B 331 3.03 -23.19 -0.96
N GLY B 332 4.35 -23.16 -0.88
CA GLY B 332 5.17 -24.11 -1.61
C GLY B 332 5.67 -23.61 -2.96
N PHE B 333 4.97 -22.66 -3.55
CA PHE B 333 5.38 -22.17 -4.85
C PHE B 333 6.73 -21.46 -4.81
N GLY B 334 6.97 -20.69 -3.75
CA GLY B 334 8.23 -19.99 -3.61
C GLY B 334 9.41 -20.96 -3.73
N ASP B 335 9.25 -22.14 -3.15
CA ASP B 335 10.31 -23.15 -3.20
C ASP B 335 10.42 -23.76 -4.59
N LEU B 336 9.29 -23.94 -5.28
CA LEU B 336 9.31 -24.47 -6.64
C LEU B 336 9.99 -23.43 -7.52
N ALA B 337 9.73 -22.15 -7.24
CA ALA B 337 10.32 -21.07 -8.00
C ALA B 337 11.84 -21.01 -7.87
N MET B 338 12.36 -21.19 -6.65
CA MET B 338 13.80 -21.16 -6.49
C MET B 338 14.47 -22.37 -7.15
N GLN B 339 13.90 -23.56 -6.97
CA GLN B 339 14.48 -24.76 -7.58
C GLN B 339 14.51 -24.57 -9.10
N PHE B 340 13.48 -23.92 -9.63
CA PHE B 340 13.36 -23.65 -11.06
C PHE B 340 14.48 -22.69 -11.49
N MET B 341 14.70 -21.65 -10.71
CA MET B 341 15.75 -20.68 -11.01
C MET B 341 17.14 -21.31 -10.88
N LEU B 342 17.29 -22.18 -9.89
CA LEU B 342 18.57 -22.86 -9.65
C LEU B 342 18.97 -23.74 -10.83
N GLU B 343 18.04 -23.95 -11.75
CA GLU B 343 18.32 -24.74 -12.95
C GLU B 343 19.31 -23.98 -13.83
N LEU B 344 19.54 -22.70 -13.50
CA LEU B 344 20.47 -21.90 -14.29
C LEU B 344 21.91 -22.38 -14.14
N TYR B 345 22.18 -23.11 -13.06
CA TYR B 345 23.52 -23.66 -12.82
C TYR B 345 23.58 -25.05 -13.44
N SER B 346 24.72 -25.40 -14.03
CA SER B 346 24.85 -26.73 -14.61
C SER B 346 25.33 -27.70 -13.55
N PHE C 30 -8.93 3.76 18.51
CA PHE C 30 -9.54 2.61 19.24
C PHE C 30 -8.71 2.22 20.45
N ASP C 31 -7.59 2.93 20.64
CA ASP C 31 -6.69 2.67 21.77
C ASP C 31 -6.11 4.01 22.25
N MET C 32 -5.46 3.99 23.42
CA MET C 32 -4.87 5.21 23.98
C MET C 32 -3.82 5.83 23.06
N PRO C 33 -3.56 7.14 23.22
CA PRO C 33 -2.58 7.85 22.39
C PRO C 33 -1.17 7.33 22.67
N LEU C 34 -0.29 7.43 21.68
CA LEU C 34 1.09 6.97 21.83
C LEU C 34 1.70 7.45 23.14
N GLN C 35 1.41 8.70 23.47
CA GLN C 35 1.94 9.30 24.70
C GLN C 35 1.66 8.41 25.91
N LYS C 36 0.44 7.88 25.99
CA LYS C 36 0.05 7.01 27.09
C LYS C 36 0.57 5.57 26.93
N LEU C 37 0.64 5.12 25.68
CA LEU C 37 1.14 3.76 25.40
C LEU C 37 2.53 3.58 26.00
N ARG C 38 3.36 4.62 25.91
CA ARG C 38 4.73 4.58 26.42
C ARG C 38 4.79 4.26 27.92
N GLU C 39 3.73 4.62 28.65
CA GLU C 39 3.69 4.38 30.08
C GLU C 39 2.81 3.19 30.50
N TYR C 40 2.04 2.67 29.55
CA TYR C 40 1.15 1.54 29.85
C TYR C 40 1.92 0.25 30.14
N THR C 41 1.66 -0.35 31.30
CA THR C 41 2.35 -1.58 31.69
C THR C 41 1.48 -2.83 31.75
N GLY C 42 0.22 -2.72 31.33
CA GLY C 42 -0.63 -3.90 31.33
C GLY C 42 -1.86 -3.89 32.24
N THR C 43 -2.83 -4.73 31.90
CA THR C 43 -4.06 -4.83 32.68
C THR C 43 -4.30 -6.25 33.18
N ASN C 44 -4.08 -7.24 32.32
CA ASN C 44 -4.32 -8.63 32.72
C ASN C 44 -3.54 -8.97 33.98
N PRO C 45 -4.17 -9.70 34.92
CA PRO C 45 -3.50 -10.07 36.16
C PRO C 45 -2.39 -11.10 35.97
N CYS C 46 -1.62 -11.31 37.02
CA CYS C 46 -0.53 -12.28 37.02
C CYS C 46 -0.73 -13.14 38.26
N PRO C 47 -0.84 -14.46 38.10
CA PRO C 47 -1.05 -15.36 39.24
C PRO C 47 0.05 -15.21 40.30
N GLU C 48 -0.34 -15.28 41.56
CA GLU C 48 0.60 -15.17 42.67
C GLU C 48 1.69 -16.23 42.60
N ASP C 49 1.37 -17.38 42.02
CA ASP C 49 2.33 -18.47 41.91
C ASP C 49 2.91 -18.58 40.50
N PHE C 50 2.88 -17.47 39.76
CA PHE C 50 3.39 -17.42 38.40
C PHE C 50 4.78 -18.01 38.27
N ASP C 51 5.71 -17.50 39.08
CA ASP C 51 7.09 -17.98 39.06
C ASP C 51 7.23 -19.47 39.33
N GLU C 52 6.57 -19.97 40.37
CA GLU C 52 6.65 -21.39 40.69
C GLU C 52 6.01 -22.21 39.58
N TYR C 53 4.97 -21.66 38.97
CA TYR C 53 4.28 -22.33 37.89
C TYR C 53 5.27 -22.60 36.75
N TRP C 54 5.98 -21.56 36.34
CA TRP C 54 6.95 -21.71 35.25
C TRP C 54 8.22 -22.48 35.60
N ASN C 55 8.63 -22.43 36.86
CA ASN C 55 9.83 -23.17 37.25
C ASN C 55 9.48 -24.66 37.24
N ARG C 56 8.25 -24.96 37.64
CA ARG C 56 7.77 -26.34 37.64
C ARG C 56 7.64 -26.78 36.18
N ALA C 57 7.20 -25.86 35.33
CA ALA C 57 7.02 -26.16 33.91
C ALA C 57 8.37 -26.46 33.26
N LEU C 58 9.38 -25.65 33.60
CA LEU C 58 10.72 -25.84 33.05
C LEU C 58 11.32 -27.16 33.50
N ASP C 59 11.07 -27.52 34.76
CA ASP C 59 11.59 -28.79 35.28
C ASP C 59 11.02 -29.96 34.48
N GLU C 60 9.74 -29.87 34.13
CA GLU C 60 9.10 -30.94 33.37
C GLU C 60 9.73 -31.11 31.99
N MET C 61 9.95 -30.00 31.28
CA MET C 61 10.53 -30.08 29.94
C MET C 61 11.97 -30.52 29.96
N ARG C 62 12.72 -30.10 30.97
CA ARG C 62 14.13 -30.46 31.08
C ARG C 62 14.33 -31.94 31.40
N SER C 63 13.26 -32.60 31.83
CA SER C 63 13.33 -34.02 32.14
C SER C 63 12.96 -34.87 30.93
N VAL C 64 12.58 -34.22 29.83
CA VAL C 64 12.19 -34.94 28.62
C VAL C 64 13.38 -35.37 27.76
N ASP C 65 13.33 -36.61 27.29
CA ASP C 65 14.38 -37.11 26.41
C ASP C 65 13.89 -36.70 25.03
N PRO C 66 14.55 -35.71 24.41
CA PRO C 66 14.15 -35.23 23.08
C PRO C 66 14.11 -36.27 21.96
N LYS C 67 14.95 -37.29 22.03
CA LYS C 67 14.98 -38.34 21.00
C LYS C 67 15.01 -37.66 19.63
N ILE C 68 15.94 -36.72 19.49
CA ILE C 68 16.09 -35.95 18.26
C ILE C 68 16.37 -36.79 17.03
N GLU C 69 15.71 -36.46 15.92
CA GLU C 69 15.93 -37.15 14.68
C GLU C 69 15.89 -36.12 13.56
N LEU C 70 16.87 -36.20 12.68
CA LEU C 70 16.99 -35.29 11.53
C LEU C 70 16.78 -36.09 10.26
N LYS C 71 15.92 -35.58 9.40
CA LYS C 71 15.64 -36.23 8.13
C LYS C 71 15.87 -35.23 7.00
N GLU C 72 16.68 -35.63 6.03
CA GLU C 72 16.96 -34.75 4.91
C GLU C 72 15.67 -34.35 4.21
N SER C 73 15.55 -33.07 3.88
CA SER C 73 14.37 -32.56 3.21
C SER C 73 14.45 -32.81 1.71
N SER C 74 13.29 -32.85 1.05
CA SER C 74 13.26 -33.05 -0.39
C SER C 74 13.77 -31.76 -1.04
N PHE C 75 13.68 -30.66 -0.29
CA PHE C 75 14.18 -29.37 -0.76
C PHE C 75 15.68 -29.35 -0.45
N GLN C 76 16.51 -29.17 -1.47
CA GLN C 76 17.95 -29.13 -1.25
C GLN C 76 18.64 -28.09 -2.13
N VAL C 77 19.69 -27.49 -1.58
CA VAL C 77 20.50 -26.51 -2.29
C VAL C 77 21.95 -26.93 -2.06
N SER C 78 22.87 -26.42 -2.86
CA SER C 78 24.27 -26.79 -2.76
C SER C 78 25.07 -26.14 -1.65
N PHE C 79 24.63 -24.97 -1.19
CA PHE C 79 25.35 -24.23 -0.16
C PHE C 79 24.87 -24.45 1.27
N ALA C 80 23.89 -25.31 1.46
CA ALA C 80 23.38 -25.57 2.80
C ALA C 80 22.77 -26.96 2.89
N GLU C 81 22.53 -27.41 4.12
CA GLU C 81 21.92 -28.69 4.38
C GLU C 81 20.54 -28.39 4.96
N CYS C 82 19.49 -28.92 4.32
CA CYS C 82 18.13 -28.71 4.80
C CYS C 82 17.58 -29.98 5.42
N TYR C 83 17.22 -29.91 6.69
CA TYR C 83 16.69 -31.07 7.41
C TYR C 83 15.38 -30.77 8.10
N ASP C 84 14.55 -31.79 8.20
CA ASP C 84 13.32 -31.67 8.94
C ASP C 84 13.77 -32.22 10.29
N LEU C 85 13.63 -31.41 11.33
CA LEU C 85 14.04 -31.82 12.66
C LEU C 85 12.81 -32.19 13.49
N TYR C 86 12.92 -33.27 14.24
CA TYR C 86 11.83 -33.71 15.11
C TYR C 86 12.37 -34.00 16.49
N PHE C 87 11.68 -33.51 17.51
CA PHE C 87 12.09 -33.78 18.88
C PHE C 87 10.82 -33.96 19.69
N THR C 88 10.94 -34.66 20.81
CA THR C 88 9.78 -34.90 21.66
C THR C 88 9.72 -33.84 22.74
N GLY C 89 8.53 -33.23 22.89
CA GLY C 89 8.34 -32.21 23.90
C GLY C 89 7.54 -32.78 25.05
N VAL C 90 7.11 -31.93 25.99
CA VAL C 90 6.35 -32.41 27.13
C VAL C 90 5.07 -33.10 26.69
N ARG C 91 4.64 -34.07 27.51
CA ARG C 91 3.43 -34.83 27.27
C ARG C 91 3.57 -35.78 26.08
N GLY C 92 4.82 -36.05 25.69
CA GLY C 92 5.10 -36.96 24.61
C GLY C 92 4.85 -36.47 23.19
N ALA C 93 4.56 -35.18 23.04
CA ALA C 93 4.29 -34.61 21.73
C ALA C 93 5.52 -34.58 20.83
N ARG C 94 5.36 -34.99 19.58
CA ARG C 94 6.47 -34.97 18.63
C ARG C 94 6.43 -33.63 17.91
N ILE C 95 7.45 -32.80 18.15
CA ILE C 95 7.52 -31.46 17.56
C ILE C 95 8.41 -31.42 16.32
N HIS C 96 8.02 -30.61 15.35
CA HIS C 96 8.77 -30.48 14.11
C HIS C 96 9.24 -29.06 13.81
N ALA C 97 10.42 -28.97 13.19
CA ALA C 97 10.97 -27.68 12.82
C ALA C 97 11.88 -27.84 11.62
N LYS C 98 11.88 -26.84 10.75
CA LYS C 98 12.75 -26.84 9.59
C LYS C 98 14.12 -26.49 10.17
N TYR C 99 15.17 -27.02 9.57
CA TYR C 99 16.52 -26.78 10.06
C TYR C 99 17.49 -26.64 8.90
N ILE C 100 18.01 -25.43 8.72
CA ILE C 100 18.95 -25.16 7.64
C ILE C 100 20.33 -24.83 8.19
N LYS C 101 21.31 -25.60 7.77
CA LYS C 101 22.68 -25.44 8.21
C LYS C 101 23.57 -25.04 7.04
N PRO C 102 24.24 -23.88 7.15
CA PRO C 102 25.11 -23.46 6.05
C PRO C 102 26.33 -24.38 5.97
N LYS C 103 26.86 -24.54 4.77
CA LYS C 103 28.03 -25.40 4.57
C LYS C 103 29.30 -24.59 4.80
N THR C 104 29.44 -24.07 6.01
CA THR C 104 30.62 -23.28 6.37
C THR C 104 31.39 -24.00 7.45
N GLU C 105 32.51 -23.42 7.87
CA GLU C 105 33.34 -24.02 8.90
C GLU C 105 33.18 -23.31 10.23
N GLY C 106 33.31 -24.06 11.32
CA GLY C 106 33.21 -23.49 12.65
C GLY C 106 31.81 -23.15 13.17
N LYS C 107 31.80 -22.55 14.36
CA LYS C 107 30.56 -22.15 15.01
C LYS C 107 30.12 -20.77 14.55
N HIS C 108 28.82 -20.52 14.59
CA HIS C 108 28.28 -19.25 14.14
C HIS C 108 26.92 -19.01 14.79
N PRO C 109 26.31 -17.85 14.55
CA PRO C 109 24.98 -17.55 15.13
C PRO C 109 23.89 -18.45 14.56
N ALA C 110 22.74 -18.42 15.22
CA ALA C 110 21.58 -19.18 14.79
C ALA C 110 20.34 -18.32 15.01
N LEU C 111 19.35 -18.50 14.15
CA LEU C 111 18.09 -17.78 14.26
C LEU C 111 16.97 -18.81 14.34
N ILE C 112 16.07 -18.64 15.31
CA ILE C 112 14.94 -19.54 15.46
C ILE C 112 13.68 -18.71 15.17
N ARG C 113 12.93 -19.10 14.15
CA ARG C 113 11.72 -18.36 13.78
C ARG C 113 10.45 -19.06 14.25
N PHE C 114 9.49 -18.24 14.69
CA PHE C 114 8.19 -18.73 15.14
C PHE C 114 7.14 -18.11 14.23
N HIS C 115 6.09 -18.88 13.93
CA HIS C 115 5.07 -18.43 12.99
C HIS C 115 3.75 -17.91 13.56
N GLY C 116 2.94 -17.34 12.67
CA GLY C 116 1.63 -16.80 13.01
C GLY C 116 0.60 -17.84 13.43
N TYR C 117 -0.45 -17.36 14.07
CA TYR C 117 -1.53 -18.18 14.56
C TYR C 117 -2.21 -18.95 13.42
N SER C 118 -2.23 -20.28 13.54
CA SER C 118 -2.83 -21.19 12.56
C SER C 118 -1.96 -21.45 11.33
N SER C 119 -0.78 -20.84 11.28
CA SER C 119 0.11 -21.02 10.13
C SER C 119 1.12 -22.14 10.42
N ASN C 120 2.25 -22.11 9.74
CA ASN C 120 3.31 -23.10 9.94
C ASN C 120 4.65 -22.46 9.61
N SER C 121 5.71 -23.26 9.61
CA SER C 121 7.05 -22.75 9.34
C SER C 121 7.22 -22.16 7.94
N GLY C 122 6.27 -22.42 7.06
CA GLY C 122 6.34 -21.88 5.71
C GLY C 122 7.26 -22.59 4.72
N ASP C 123 7.79 -21.82 3.77
CA ASP C 123 8.68 -22.34 2.74
C ASP C 123 10.14 -22.34 3.19
N TRP C 124 10.95 -23.16 2.52
CA TRP C 124 12.37 -23.23 2.85
C TRP C 124 13.17 -22.07 2.29
N ASN C 125 12.89 -21.71 1.05
CA ASN C 125 13.65 -20.69 0.35
C ASN C 125 13.78 -19.31 0.99
N ASP C 126 12.71 -18.79 1.60
CA ASP C 126 12.79 -17.47 2.21
C ASP C 126 13.52 -17.44 3.55
N LYS C 127 13.90 -18.61 4.05
CA LYS C 127 14.66 -18.68 5.30
C LYS C 127 16.14 -18.54 4.94
N LEU C 128 16.44 -18.67 3.65
CA LEU C 128 17.82 -18.59 3.16
C LEU C 128 18.46 -17.22 3.22
N ASN C 129 17.69 -16.17 3.47
CA ASN C 129 18.27 -14.84 3.55
C ASN C 129 19.27 -14.79 4.71
N TYR C 130 18.93 -15.43 5.82
CA TYR C 130 19.83 -15.47 6.97
C TYR C 130 20.94 -16.50 6.77
N VAL C 131 20.66 -17.53 5.97
CA VAL C 131 21.67 -18.53 5.69
C VAL C 131 22.75 -17.84 4.86
N ALA C 132 22.35 -16.84 4.08
CA ALA C 132 23.30 -16.11 3.27
C ALA C 132 24.29 -15.41 4.20
N ALA C 133 23.81 -15.06 5.39
CA ALA C 133 24.64 -14.38 6.39
C ALA C 133 25.40 -15.36 7.27
N GLY C 134 25.38 -16.65 6.90
CA GLY C 134 26.11 -17.65 7.67
C GLY C 134 25.39 -18.19 8.89
N PHE C 135 24.12 -17.85 9.04
CA PHE C 135 23.33 -18.32 10.17
C PHE C 135 22.73 -19.70 9.94
N THR C 136 22.57 -20.44 11.03
CA THR C 136 21.88 -21.72 10.97
C THR C 136 20.47 -21.19 11.20
N VAL C 137 19.49 -21.65 10.44
CA VAL C 137 18.13 -21.16 10.62
C VAL C 137 17.18 -22.30 10.98
N VAL C 138 16.40 -22.10 12.03
CA VAL C 138 15.43 -23.09 12.48
C VAL C 138 14.05 -22.42 12.53
N ALA C 139 13.02 -23.13 12.07
CA ALA C 139 11.66 -22.60 12.07
C ALA C 139 10.72 -23.66 12.63
N MET C 140 10.24 -23.44 13.84
CA MET C 140 9.37 -24.38 14.54
C MET C 140 7.88 -24.32 14.19
N ASP C 141 7.25 -25.50 14.13
CA ASP C 141 5.82 -25.60 13.86
C ASP C 141 5.14 -25.70 15.21
N VAL C 142 4.05 -24.96 15.38
CA VAL C 142 3.33 -25.01 16.64
C VAL C 142 2.40 -26.21 16.69
N ARG C 143 2.34 -26.85 17.85
CA ARG C 143 1.48 -28.01 18.06
C ARG C 143 0.07 -27.83 17.51
N GLY C 144 -0.39 -28.82 16.75
CA GLY C 144 -1.74 -28.79 16.21
C GLY C 144 -2.20 -27.63 15.37
N GLN C 145 -1.28 -26.83 14.85
CA GLN C 145 -1.72 -25.73 14.01
C GLN C 145 -1.56 -26.10 12.53
N GLY C 146 -0.93 -25.24 11.72
CA GLY C 146 -0.83 -25.56 10.30
C GLY C 146 0.36 -26.39 9.83
N GLY C 147 1.22 -26.80 10.76
CA GLY C 147 2.39 -27.58 10.37
C GLY C 147 2.35 -29.06 10.71
N GLN C 148 3.52 -29.61 11.02
CA GLN C 148 3.63 -31.03 11.33
C GLN C 148 3.93 -31.35 12.79
N SER C 149 3.61 -30.43 13.70
CA SER C 149 3.84 -30.66 15.12
C SER C 149 2.58 -31.20 15.78
N GLN C 150 2.77 -32.19 16.63
CA GLN C 150 1.68 -32.85 17.32
C GLN C 150 1.16 -32.21 18.61
N ASP C 151 -0.15 -32.20 18.76
CA ASP C 151 -0.82 -31.72 19.96
C ASP C 151 -1.48 -32.99 20.51
N VAL C 152 -0.92 -33.55 21.58
CA VAL C 152 -1.45 -34.78 22.15
C VAL C 152 -2.83 -34.60 22.78
N GLY C 153 -3.24 -33.35 22.94
CA GLY C 153 -4.54 -33.09 23.52
C GLY C 153 -4.66 -33.68 24.91
N GLY C 154 -5.82 -34.30 25.18
CA GLY C 154 -6.04 -34.91 26.47
C GLY C 154 -6.51 -33.90 27.50
N VAL C 155 -7.21 -32.86 27.05
CA VAL C 155 -7.71 -31.84 27.97
C VAL C 155 -9.23 -31.87 28.05
N THR C 156 -9.76 -31.32 29.13
CA THR C 156 -11.21 -31.24 29.32
C THR C 156 -11.60 -29.87 28.79
N GLY C 157 -12.86 -29.72 28.41
CA GLY C 157 -13.31 -28.44 27.91
C GLY C 157 -13.34 -28.37 26.39
N ASN C 158 -13.57 -27.17 25.88
CA ASN C 158 -13.66 -26.89 24.45
C ASN C 158 -12.39 -27.28 23.67
N THR C 159 -12.59 -27.85 22.48
CA THR C 159 -11.48 -28.24 21.62
C THR C 159 -11.81 -27.87 20.18
N LEU C 160 -12.92 -27.16 19.99
CA LEU C 160 -13.36 -26.78 18.65
C LEU C 160 -12.64 -25.58 18.03
N ASN C 161 -12.42 -24.52 18.81
CA ASN C 161 -11.75 -23.33 18.26
C ASN C 161 -10.83 -22.64 19.26
N GLY C 162 -9.59 -22.41 18.86
CA GLY C 162 -8.66 -21.70 19.72
C GLY C 162 -7.75 -22.47 20.65
N HIS C 163 -6.48 -22.09 20.62
CA HIS C 163 -5.48 -22.70 21.48
C HIS C 163 -5.28 -21.88 22.76
N ILE C 164 -5.70 -20.62 22.73
CA ILE C 164 -5.56 -19.79 23.92
C ILE C 164 -6.42 -20.35 25.06
N ILE C 165 -7.63 -20.76 24.73
CA ILE C 165 -8.52 -21.30 25.77
C ILE C 165 -8.45 -22.82 25.88
N ARG C 166 -7.57 -23.43 25.10
CA ARG C 166 -7.43 -24.88 25.12
C ARG C 166 -6.85 -25.32 26.46
N GLY C 167 -7.65 -26.05 27.24
CA GLY C 167 -7.21 -26.52 28.54
C GLY C 167 -7.46 -25.51 29.63
N LEU C 168 -8.22 -24.46 29.32
CA LEU C 168 -8.52 -23.41 30.29
C LEU C 168 -9.40 -23.93 31.43
N ASP C 169 -10.27 -24.89 31.15
CA ASP C 169 -11.12 -25.44 32.20
C ASP C 169 -10.47 -26.66 32.84
N ASP C 170 -9.23 -26.92 32.48
CA ASP C 170 -8.49 -28.05 33.03
C ASP C 170 -7.50 -27.49 34.04
N ASP C 171 -6.59 -28.33 34.54
CA ASP C 171 -5.57 -27.87 35.48
C ASP C 171 -4.67 -26.90 34.71
N ALA C 172 -4.21 -25.83 35.36
CA ALA C 172 -3.35 -24.84 34.70
C ALA C 172 -2.10 -25.44 34.09
N ASP C 173 -1.63 -26.55 34.64
CA ASP C 173 -0.44 -27.22 34.12
C ASP C 173 -0.74 -27.95 32.81
N ASN C 174 -2.01 -27.96 32.41
CA ASN C 174 -2.41 -28.64 31.18
C ASN C 174 -2.82 -27.68 30.06
N MET C 175 -2.62 -26.38 30.26
CA MET C 175 -2.97 -25.39 29.24
C MET C 175 -2.02 -25.57 28.05
N LEU C 176 -2.60 -25.70 26.86
CA LEU C 176 -1.79 -25.93 25.65
C LEU C 176 -0.65 -24.95 25.38
N PHE C 177 -0.90 -23.65 25.49
CA PHE C 177 0.18 -22.71 25.22
C PHE C 177 1.32 -22.85 26.23
N ARG C 178 1.04 -23.46 27.39
CA ARG C 178 2.10 -23.65 28.37
C ARG C 178 3.11 -24.62 27.75
N HIS C 179 2.59 -25.69 27.13
CA HIS C 179 3.42 -26.71 26.49
C HIS C 179 4.14 -26.14 25.28
N ILE C 180 3.45 -25.28 24.54
CA ILE C 180 4.01 -24.68 23.34
C ILE C 180 5.16 -23.74 23.71
N PHE C 181 5.00 -22.98 24.79
CA PHE C 181 6.05 -22.08 25.23
C PHE C 181 7.26 -22.94 25.60
N LEU C 182 7.01 -24.05 26.27
CA LEU C 182 8.09 -24.96 26.67
C LEU C 182 8.78 -25.53 25.43
N ASP C 183 8.01 -25.78 24.37
CA ASP C 183 8.60 -26.29 23.14
C ASP C 183 9.63 -25.30 22.59
N THR C 184 9.32 -24.00 22.67
CA THR C 184 10.25 -23.00 22.16
C THR C 184 11.53 -22.97 23.00
N ALA C 185 11.39 -23.05 24.32
CA ALA C 185 12.57 -23.05 25.19
C ALA C 185 13.38 -24.33 24.97
N GLN C 186 12.68 -25.45 24.82
CA GLN C 186 13.35 -26.73 24.60
C GLN C 186 14.09 -26.71 23.26
N LEU C 187 13.44 -26.13 22.25
CA LEU C 187 14.07 -26.05 20.93
C LEU C 187 15.30 -25.14 20.99
N ALA C 188 15.19 -24.06 21.77
CA ALA C 188 16.30 -23.12 21.91
C ALA C 188 17.52 -23.83 22.49
N GLY C 189 17.28 -24.71 23.46
CA GLY C 189 18.38 -25.44 24.08
C GLY C 189 18.95 -26.48 23.13
N ILE C 190 18.08 -27.10 22.34
CA ILE C 190 18.54 -28.12 21.39
C ILE C 190 19.42 -27.44 20.34
N VAL C 191 18.98 -26.27 19.89
CA VAL C 191 19.72 -25.51 18.90
C VAL C 191 21.07 -25.06 19.49
N MET C 192 21.06 -24.64 20.75
CA MET C 192 22.29 -24.21 21.40
C MET C 192 23.27 -25.37 21.57
N ASN C 193 22.78 -26.60 21.42
CA ASN C 193 23.64 -27.77 21.54
C ASN C 193 24.12 -28.29 20.19
N MET C 194 23.76 -27.60 19.12
CA MET C 194 24.18 -28.01 17.78
C MET C 194 25.67 -27.73 17.62
N PRO C 195 26.40 -28.66 16.99
CA PRO C 195 27.85 -28.53 16.79
C PRO C 195 28.31 -27.26 16.09
N GLU C 196 27.54 -26.77 15.12
CA GLU C 196 27.93 -25.56 14.40
C GLU C 196 27.39 -24.27 15.02
N VAL C 197 26.64 -24.39 16.11
CA VAL C 197 26.06 -23.22 16.76
C VAL C 197 26.75 -22.71 18.03
N ASP C 198 27.04 -21.42 18.06
CA ASP C 198 27.63 -20.79 19.24
C ASP C 198 26.43 -20.50 20.14
N GLU C 199 26.32 -21.25 21.24
CA GLU C 199 25.19 -21.09 22.16
C GLU C 199 24.93 -19.67 22.69
N ASP C 200 25.94 -18.81 22.64
CA ASP C 200 25.77 -17.44 23.11
C ASP C 200 25.38 -16.47 22.00
N ARG C 201 25.23 -17.01 20.79
CA ARG C 201 24.86 -16.18 19.64
C ARG C 201 23.58 -16.69 18.98
N VAL C 202 22.52 -16.83 19.78
CA VAL C 202 21.25 -17.29 19.27
C VAL C 202 20.17 -16.21 19.33
N GLY C 203 19.46 -16.03 18.23
CA GLY C 203 18.39 -15.05 18.17
C GLY C 203 17.07 -15.73 17.85
N VAL C 204 15.96 -15.12 18.26
CA VAL C 204 14.63 -15.65 17.99
C VAL C 204 13.81 -14.54 17.35
N MET C 205 12.90 -14.91 16.46
CA MET C 205 12.10 -13.92 15.75
C MET C 205 10.76 -14.46 15.27
N GLY C 206 9.78 -13.57 15.13
CA GLY C 206 8.46 -13.98 14.66
C GLY C 206 7.44 -12.87 14.74
N PRO C 207 6.37 -12.96 13.92
CA PRO C 207 5.31 -11.95 13.90
C PRO C 207 4.01 -12.47 14.55
N SER C 208 3.27 -11.56 15.17
CA SER C 208 2.01 -11.91 15.82
C SER C 208 2.22 -13.06 16.81
N GLN C 209 1.58 -14.21 16.59
CA GLN C 209 1.78 -15.34 17.49
C GLN C 209 3.29 -15.61 17.61
N GLY C 210 3.99 -15.50 16.48
CA GLY C 210 5.43 -15.73 16.47
C GLY C 210 6.16 -14.69 17.31
N GLY C 211 5.58 -13.50 17.41
CA GLY C 211 6.18 -12.44 18.20
C GLY C 211 6.03 -12.74 19.67
N GLY C 212 4.89 -13.32 20.03
CA GLY C 212 4.66 -13.68 21.42
C GLY C 212 5.52 -14.86 21.81
N LEU C 213 5.65 -15.82 20.90
CA LEU C 213 6.46 -17.01 21.15
C LEU C 213 7.94 -16.63 21.29
N SER C 214 8.38 -15.64 20.51
CA SER C 214 9.76 -15.19 20.58
C SER C 214 10.06 -14.65 21.98
N LEU C 215 9.13 -13.87 22.51
CA LEU C 215 9.28 -13.30 23.84
C LEU C 215 9.29 -14.41 24.90
N ALA C 216 8.35 -15.35 24.77
CA ALA C 216 8.25 -16.45 25.71
C ALA C 216 9.52 -17.28 25.68
N CYS C 217 10.03 -17.52 24.47
CA CYS C 217 11.25 -18.32 24.30
C CYS C 217 12.43 -17.67 25.01
N ALA C 218 12.66 -16.39 24.73
CA ALA C 218 13.76 -15.65 25.33
C ALA C 218 13.60 -15.53 26.84
N ALA C 219 12.36 -15.65 27.30
CA ALA C 219 12.07 -15.56 28.73
C ALA C 219 12.35 -16.88 29.44
N LEU C 220 11.96 -17.99 28.81
CA LEU C 220 12.15 -19.32 29.39
C LEU C 220 13.56 -19.87 29.16
N GLU C 221 14.26 -19.32 28.18
CA GLU C 221 15.63 -19.72 27.90
C GLU C 221 16.44 -18.43 27.83
N PRO C 222 16.81 -17.90 29.02
CA PRO C 222 17.59 -16.67 29.20
C PRO C 222 18.89 -16.58 28.42
N ARG C 223 19.39 -17.70 27.90
CA ARG C 223 20.62 -17.67 27.12
C ARG C 223 20.40 -17.03 25.75
N VAL C 224 19.15 -16.94 25.32
CA VAL C 224 18.84 -16.31 24.03
C VAL C 224 19.40 -14.89 24.06
N ARG C 225 20.21 -14.56 23.06
CA ARG C 225 20.88 -13.28 22.98
C ARG C 225 20.16 -12.12 22.28
N LYS C 226 19.40 -12.44 21.24
CA LYS C 226 18.67 -11.43 20.46
C LYS C 226 17.20 -11.81 20.32
N VAL C 227 16.35 -10.80 20.31
CA VAL C 227 14.92 -11.03 20.19
C VAL C 227 14.25 -9.99 19.30
N VAL C 228 13.51 -10.48 18.31
CA VAL C 228 12.77 -9.59 17.42
C VAL C 228 11.31 -10.04 17.57
N SER C 229 10.47 -9.16 18.10
CA SER C 229 9.07 -9.45 18.31
C SER C 229 8.21 -8.44 17.55
N GLU C 230 7.59 -8.91 16.47
CA GLU C 230 6.75 -8.05 15.64
C GLU C 230 5.28 -8.17 16.03
N TYR C 231 4.67 -7.03 16.35
CA TYR C 231 3.27 -6.95 16.77
C TYR C 231 2.83 -8.25 17.43
N PRO C 232 3.39 -8.54 18.62
CA PRO C 232 3.12 -9.73 19.41
C PRO C 232 1.68 -9.98 19.84
N PHE C 233 1.28 -11.24 19.70
CA PHE C 233 -0.03 -11.75 20.04
C PHE C 233 0.20 -12.45 21.40
N LEU C 234 -0.87 -12.81 22.10
CA LEU C 234 -0.77 -13.52 23.39
C LEU C 234 -0.30 -12.60 24.53
N SER C 235 -0.72 -11.35 24.50
CA SER C 235 -0.31 -10.42 25.53
C SER C 235 -1.46 -9.58 26.09
N ASP C 236 -1.46 -9.43 27.42
CA ASP C 236 -2.43 -8.58 28.10
C ASP C 236 -3.87 -8.87 27.68
N TYR C 237 -4.28 -10.13 27.82
CA TYR C 237 -5.62 -10.58 27.44
C TYR C 237 -6.79 -9.69 27.89
N LYS C 238 -6.85 -9.40 29.18
CA LYS C 238 -7.93 -8.56 29.74
C LYS C 238 -8.07 -7.22 29.01
N ARG C 239 -6.94 -6.64 28.63
CA ARG C 239 -6.93 -5.36 27.92
C ARG C 239 -7.62 -5.48 26.56
N VAL C 240 -7.38 -6.60 25.88
CA VAL C 240 -8.01 -6.83 24.58
C VAL C 240 -9.53 -6.83 24.77
N TRP C 241 -9.99 -7.54 25.79
CA TRP C 241 -11.40 -7.62 26.09
C TRP C 241 -11.97 -6.26 26.51
N ASP C 242 -11.22 -5.53 27.35
CA ASP C 242 -11.65 -4.20 27.80
C ASP C 242 -11.91 -3.25 26.63
N LEU C 243 -11.14 -3.42 25.56
CA LEU C 243 -11.26 -2.56 24.38
C LEU C 243 -12.32 -3.03 23.40
N ASP C 244 -13.04 -4.09 23.75
CA ASP C 244 -14.05 -4.66 22.86
C ASP C 244 -13.39 -5.18 21.58
N LEU C 245 -12.13 -5.62 21.71
CA LEU C 245 -11.40 -6.15 20.58
C LEU C 245 -11.16 -7.65 20.72
N ALA C 246 -11.93 -8.30 21.59
CA ALA C 246 -11.80 -9.73 21.78
C ALA C 246 -12.55 -10.43 20.64
N LYS C 247 -12.02 -10.25 19.44
CA LYS C 247 -12.57 -10.84 18.24
C LYS C 247 -11.38 -11.07 17.31
N ASN C 248 -11.66 -11.42 16.07
CA ASN C 248 -10.58 -11.68 15.12
C ASN C 248 -9.72 -12.80 15.74
N ALA C 249 -8.43 -12.54 15.92
CA ALA C 249 -7.54 -13.55 16.50
C ALA C 249 -7.89 -13.87 17.96
N TYR C 250 -8.45 -12.90 18.68
CA TYR C 250 -8.82 -13.09 20.07
C TYR C 250 -10.29 -13.47 20.29
N GLN C 251 -10.99 -13.82 19.22
CA GLN C 251 -12.40 -14.18 19.30
C GLN C 251 -12.73 -15.27 20.33
N GLU C 252 -11.88 -16.27 20.44
CA GLU C 252 -12.12 -17.36 21.39
C GLU C 252 -12.33 -16.90 22.84
N ILE C 253 -11.73 -15.79 23.23
CA ILE C 253 -11.91 -15.31 24.60
C ILE C 253 -13.39 -14.95 24.78
N THR C 254 -13.96 -14.26 23.79
CA THR C 254 -15.38 -13.89 23.82
C THR C 254 -16.24 -15.14 23.76
N ASP C 255 -15.86 -16.11 22.93
CA ASP C 255 -16.64 -17.34 22.82
C ASP C 255 -16.64 -18.07 24.16
N TYR C 256 -15.49 -18.13 24.80
CA TYR C 256 -15.40 -18.83 26.09
C TYR C 256 -16.42 -18.27 27.08
N PHE C 257 -16.43 -16.95 27.26
CA PHE C 257 -17.37 -16.34 28.21
C PHE C 257 -18.84 -16.54 27.80
N ARG C 258 -19.16 -16.29 26.54
CA ARG C 258 -20.53 -16.45 26.06
C ARG C 258 -21.09 -17.84 26.35
N LEU C 259 -20.24 -18.85 26.21
CA LEU C 259 -20.65 -20.24 26.42
C LEU C 259 -20.50 -20.78 27.83
N PHE C 260 -19.39 -20.45 28.49
CA PHE C 260 -19.11 -20.99 29.81
C PHE C 260 -19.26 -20.04 31.00
N ASP C 261 -19.42 -18.75 30.75
CA ASP C 261 -19.59 -17.78 31.84
C ASP C 261 -20.20 -16.50 31.28
N PRO C 262 -21.42 -16.60 30.75
CA PRO C 262 -22.14 -15.46 30.16
C PRO C 262 -22.30 -14.20 31.01
N ARG C 263 -22.42 -14.35 32.32
CA ARG C 263 -22.59 -13.18 33.17
C ARG C 263 -21.30 -12.76 33.87
N HIS C 264 -20.19 -13.36 33.44
CA HIS C 264 -18.87 -13.07 33.98
C HIS C 264 -18.75 -13.21 35.49
N GLU C 265 -19.30 -14.29 36.01
CA GLU C 265 -19.24 -14.56 37.45
C GLU C 265 -17.86 -15.07 37.84
N ARG C 266 -17.09 -15.53 36.85
CA ARG C 266 -15.75 -16.05 37.09
C ARG C 266 -14.71 -15.24 36.30
N GLU C 267 -15.05 -14.00 35.97
CA GLU C 267 -14.15 -13.15 35.19
C GLU C 267 -12.72 -13.04 35.73
N ASN C 268 -12.56 -12.64 36.98
CA ASN C 268 -11.21 -12.50 37.51
C ASN C 268 -10.44 -13.81 37.48
N GLU C 269 -11.12 -14.91 37.82
CA GLU C 269 -10.48 -16.22 37.80
C GLU C 269 -10.00 -16.58 36.40
N VAL C 270 -10.83 -16.36 35.40
CA VAL C 270 -10.47 -16.67 34.02
C VAL C 270 -9.27 -15.89 33.54
N PHE C 271 -9.30 -14.56 33.68
CA PHE C 271 -8.18 -13.75 33.23
C PHE C 271 -6.90 -13.97 34.03
N THR C 272 -7.03 -14.28 35.31
CA THR C 272 -5.85 -14.53 36.13
C THR C 272 -5.19 -15.82 35.64
N LYS C 273 -6.01 -16.81 35.33
CA LYS C 273 -5.49 -18.09 34.85
C LYS C 273 -4.80 -17.87 33.49
N LEU C 274 -5.39 -17.04 32.64
CA LEU C 274 -4.77 -16.74 31.34
C LEU C 274 -3.45 -16.02 31.57
N GLY C 275 -3.29 -15.46 32.77
CA GLY C 275 -2.06 -14.76 33.09
C GLY C 275 -0.84 -15.65 33.04
N TYR C 276 -1.03 -16.96 33.23
CA TYR C 276 0.08 -17.90 33.18
C TYR C 276 0.72 -17.90 31.79
N ILE C 277 -0.10 -17.69 30.75
CA ILE C 277 0.41 -17.67 29.38
C ILE C 277 0.35 -16.29 28.75
N ASP C 278 0.44 -15.26 29.59
CA ASP C 278 0.44 -13.87 29.13
C ASP C 278 1.93 -13.48 29.01
N VAL C 279 2.41 -13.31 27.78
CA VAL C 279 3.82 -12.99 27.59
C VAL C 279 4.29 -11.72 28.28
N LYS C 280 3.38 -10.80 28.58
CA LYS C 280 3.78 -9.58 29.26
C LYS C 280 4.25 -9.93 30.68
N ASN C 281 3.81 -11.08 31.19
CA ASN C 281 4.21 -11.51 32.53
C ASN C 281 5.56 -12.23 32.52
N LEU C 282 5.94 -12.77 31.36
CA LEU C 282 7.22 -13.46 31.19
C LEU C 282 8.33 -12.49 30.79
N ALA C 283 7.94 -11.39 30.15
CA ALA C 283 8.88 -10.37 29.66
C ALA C 283 9.99 -9.97 30.64
N LYS C 284 9.68 -9.97 31.93
CA LYS C 284 10.65 -9.59 32.96
C LYS C 284 11.87 -10.51 33.03
N ARG C 285 11.70 -11.73 32.53
CA ARG C 285 12.78 -12.72 32.58
C ARG C 285 13.75 -12.63 31.41
N ILE C 286 13.37 -11.89 30.36
CA ILE C 286 14.20 -11.77 29.18
C ILE C 286 15.53 -11.06 29.43
N LYS C 287 16.61 -11.69 28.99
CA LYS C 287 17.95 -11.12 29.16
C LYS C 287 18.55 -10.63 27.84
N GLY C 288 18.11 -11.21 26.73
CA GLY C 288 18.64 -10.78 25.45
C GLY C 288 18.14 -9.43 25.01
N ASP C 289 18.82 -8.78 24.06
CA ASP C 289 18.39 -7.49 23.56
C ASP C 289 17.09 -7.73 22.80
N VAL C 290 16.20 -6.74 22.80
CA VAL C 290 14.92 -6.89 22.12
C VAL C 290 14.62 -5.74 21.17
N LEU C 291 14.15 -6.11 19.97
CA LEU C 291 13.74 -5.13 18.98
C LEU C 291 12.30 -5.50 18.64
N MET C 292 11.38 -4.56 18.83
CA MET C 292 9.98 -4.80 18.55
C MET C 292 9.43 -3.78 17.58
N CYS C 293 8.27 -4.06 17.00
CA CYS C 293 7.63 -3.13 16.09
C CYS C 293 6.13 -3.17 16.39
N VAL C 294 5.45 -2.06 16.17
CA VAL C 294 4.03 -1.98 16.45
C VAL C 294 3.32 -1.06 15.48
N GLY C 295 2.15 -1.49 15.01
CA GLY C 295 1.37 -0.68 14.09
C GLY C 295 0.23 -0.07 14.87
N LEU C 296 0.11 1.26 14.84
CA LEU C 296 -0.93 1.94 15.60
C LEU C 296 -2.36 1.73 15.09
N MET C 297 -2.48 1.13 13.90
CA MET C 297 -3.80 0.83 13.34
C MET C 297 -4.13 -0.65 13.53
N ASP C 298 -3.25 -1.38 14.23
CA ASP C 298 -3.45 -2.81 14.48
C ASP C 298 -4.53 -3.06 15.52
N GLN C 299 -5.66 -3.60 15.07
CA GLN C 299 -6.77 -3.90 15.97
C GLN C 299 -6.77 -5.37 16.38
N VAL C 300 -5.97 -6.18 15.69
CA VAL C 300 -5.85 -7.60 15.97
C VAL C 300 -5.05 -7.76 17.26
N CYS C 301 -3.93 -7.05 17.33
CA CYS C 301 -3.07 -7.04 18.50
C CYS C 301 -3.00 -5.55 18.85
N PRO C 302 -3.94 -5.07 19.68
CA PRO C 302 -4.00 -3.66 20.10
C PRO C 302 -2.64 -3.12 20.53
N PRO C 303 -2.31 -1.90 20.07
CA PRO C 303 -1.03 -1.25 20.41
C PRO C 303 -0.72 -1.28 21.91
N SER C 304 -1.74 -1.12 22.74
CA SER C 304 -1.53 -1.13 24.18
C SER C 304 -1.03 -2.48 24.69
N THR C 305 -1.54 -3.57 24.14
CA THR C 305 -1.10 -4.90 24.59
C THR C 305 0.35 -5.14 24.18
N VAL C 306 0.76 -4.56 23.05
CA VAL C 306 2.13 -4.71 22.57
C VAL C 306 3.08 -3.91 23.46
N PHE C 307 2.70 -2.68 23.78
CA PHE C 307 3.53 -1.84 24.64
C PHE C 307 3.56 -2.38 26.07
N ALA C 308 2.52 -3.11 26.47
CA ALA C 308 2.49 -3.69 27.80
C ALA C 308 3.62 -4.72 27.91
N ALA C 309 3.80 -5.51 26.86
CA ALA C 309 4.86 -6.52 26.84
C ALA C 309 6.21 -5.79 26.77
N TYR C 310 6.30 -4.80 25.90
CA TYR C 310 7.52 -4.03 25.74
C TYR C 310 7.95 -3.31 27.02
N ASN C 311 6.99 -2.71 27.72
CA ASN C 311 7.31 -1.97 28.93
C ASN C 311 7.66 -2.82 30.14
N ASN C 312 7.49 -4.14 30.02
CA ASN C 312 7.83 -5.02 31.13
C ASN C 312 9.21 -5.65 30.90
N ILE C 313 9.81 -5.35 29.76
CA ILE C 313 11.14 -5.88 29.45
C ILE C 313 12.16 -5.06 30.20
N GLN C 314 13.11 -5.74 30.86
CA GLN C 314 14.14 -5.07 31.65
C GLN C 314 15.51 -5.05 30.97
N SER C 315 15.64 -5.76 29.85
CA SER C 315 16.91 -5.78 29.13
C SER C 315 16.97 -4.67 28.10
N LYS C 316 18.09 -4.57 27.39
CA LYS C 316 18.26 -3.56 26.35
C LYS C 316 17.14 -3.81 25.35
N LYS C 317 16.41 -2.76 25.01
CA LYS C 317 15.28 -2.91 24.09
C LYS C 317 15.02 -1.67 23.26
N ASP C 318 14.13 -1.81 22.29
CA ASP C 318 13.76 -0.72 21.42
C ASP C 318 12.53 -1.12 20.63
N ILE C 319 11.69 -0.15 20.30
CA ILE C 319 10.48 -0.45 19.57
C ILE C 319 10.23 0.55 18.44
N LYS C 320 10.01 0.03 17.24
CA LYS C 320 9.74 0.87 16.07
C LYS C 320 8.23 1.01 15.93
N VAL C 321 7.77 2.26 15.89
CA VAL C 321 6.34 2.55 15.77
C VAL C 321 5.94 2.90 14.34
N TYR C 322 4.91 2.23 13.85
CA TYR C 322 4.40 2.44 12.50
C TYR C 322 2.95 2.93 12.58
N PRO C 323 2.77 4.25 12.62
CA PRO C 323 1.45 4.90 12.71
C PRO C 323 0.36 4.45 11.74
N ASP C 324 0.72 4.21 10.48
CA ASP C 324 -0.26 3.82 9.48
C ASP C 324 -0.35 2.33 9.17
N TYR C 325 0.30 1.49 9.97
CA TYR C 325 0.24 0.06 9.73
C TYR C 325 -0.65 -0.68 10.72
N GLY C 326 -1.22 -1.79 10.26
CA GLY C 326 -2.08 -2.62 11.11
C GLY C 326 -1.34 -3.91 11.42
N HIS C 327 -2.08 -5.01 11.47
CA HIS C 327 -1.51 -6.32 11.76
C HIS C 327 -0.89 -6.82 10.46
N GLU C 328 0.30 -6.34 10.14
CA GLU C 328 0.95 -6.70 8.89
C GLU C 328 2.43 -6.35 8.91
N PRO C 329 3.21 -6.92 7.97
CA PRO C 329 4.64 -6.63 7.91
C PRO C 329 4.80 -5.13 7.66
N MET C 330 5.73 -4.50 8.37
CA MET C 330 5.96 -3.07 8.22
C MET C 330 7.19 -2.78 7.36
N ARG C 331 6.99 -2.01 6.30
CA ARG C 331 8.08 -1.69 5.38
C ARG C 331 9.35 -1.22 6.06
N GLY C 332 10.45 -1.86 5.71
CA GLY C 332 11.74 -1.50 6.27
C GLY C 332 12.12 -2.16 7.57
N PHE C 333 11.14 -2.69 8.31
CA PHE C 333 11.47 -3.32 9.58
C PHE C 333 12.28 -4.60 9.41
N GLY C 334 12.02 -5.33 8.33
CA GLY C 334 12.75 -6.56 8.09
C GLY C 334 14.25 -6.27 8.01
N ASP C 335 14.61 -5.18 7.36
CA ASP C 335 16.02 -4.81 7.22
C ASP C 335 16.57 -4.41 8.58
N LEU C 336 15.75 -3.73 9.38
CA LEU C 336 16.18 -3.32 10.71
C LEU C 336 16.41 -4.58 11.54
N ALA C 337 15.51 -5.55 11.41
CA ALA C 337 15.62 -6.80 12.15
C ALA C 337 16.89 -7.57 11.77
N MET C 338 17.23 -7.60 10.48
CA MET C 338 18.43 -8.33 10.08
C MET C 338 19.69 -7.66 10.60
N GLN C 339 19.76 -6.34 10.46
CA GLN C 339 20.92 -5.60 10.94
C GLN C 339 21.07 -5.82 12.44
N PHE C 340 19.93 -5.94 13.12
CA PHE C 340 19.90 -6.18 14.57
C PHE C 340 20.46 -7.56 14.89
N MET C 341 20.02 -8.56 14.12
CA MET C 341 20.48 -9.94 14.31
C MET C 341 21.96 -10.08 13.92
N LEU C 342 22.39 -9.32 12.92
CA LEU C 342 23.77 -9.38 12.48
C LEU C 342 24.72 -8.89 13.57
N GLU C 343 24.17 -8.29 14.61
CA GLU C 343 24.98 -7.82 15.72
C GLU C 343 25.52 -9.04 16.48
N LEU C 344 24.99 -10.22 16.20
CA LEU C 344 25.47 -11.41 16.88
C LEU C 344 26.88 -11.77 16.44
N TYR C 345 27.31 -11.25 15.30
CA TYR C 345 28.66 -11.49 14.79
C TYR C 345 29.61 -10.47 15.41
N SER C 346 30.81 -10.90 15.79
CA SER C 346 31.76 -9.96 16.35
C SER C 346 32.35 -9.09 15.25
#